data_6BYC
#
_entry.id   6BYC
#
_cell.length_a   179.502
_cell.length_b   68.575
_cell.length_c   79.021
_cell.angle_alpha   90.000
_cell.angle_beta   95.160
_cell.angle_gamma   90.000
#
_symmetry.space_group_name_H-M   'C 1 2 1'
#
loop_
_entity.id
_entity.type
_entity.pdbx_description
1 polymer Beta-mannosidase
2 non-polymer GLYCEROL
3 non-polymer DI(HYDROXYETHYL)ETHER
4 non-polymer 'ACETATE ION'
5 water water
#
_entity_poly.entity_id   1
_entity_poly.type   'polypeptide(L)'
_entity_poly.pdbx_seq_one_letter_code
;SHMTAVTLDGGWRVRLVPGQEQGKTYPKAAAWLPAQVPGAVQTDLIAAKIVPDPFYRDNEGKIQWAGLSDWQYQTRFTVD
AATLKREHVELVFDGLDTFAEVTLNGKQLLSADNMFRQWRVDAKSLLKRGDNLLEVKLYSPIKKIQPWLAKQPYALPGAY
DSAFGDEPEARHSSTYVRKAPYNFGWDWGPRMVNAGIWKDVRVEAWDAVRVDGLHIAQQRVDAHSAQVQAQLDLQAGRSG
PVQVTLDVLGPDGQKVGQFTQDAVVDPGQNRVDLAVRIANPKRWFPAGYGAQDRYTFVASVRDADGDSQQIKRVTGLRSV
ELRREKDRFGKSMEIVINGIPIFAKGANLIPLDAFPARVTHERMRSTLQDARDANMNMLRMWGGGHYQDDYFYDVADELG
IMIWQDFMFGGAVPPYDVEFRENTRQEAIEQVKRLRDHPSLVLWCGNNEVQTGWENWGDRVKFKQSVDPEERTRIERGMT
TLFGTVFREVVATYDSDVPYWATSPGTDFDGAADQTNDGDMHYWKVWGGPALPVTEYLNVTPRFMSEYGLQSFPDMRTVR
AFAEPGDMDPESPVMRVHQKFDKGNGNKRLMLYIRREFGEPKDFESFVYLSQLMQAEGINIAASHLRASRPQSMGSLYWQ
LNDVWPGASWSSVDYYGRWKALHYHARRFYAPEMIAALRNDKGQTEVSLVSDRTTPLTARWRMRVMGMDGKVLSKREEKA
SVNALSSQHVGNFSDKQLLGSADPKRTYAVFELLDGDTLLSREVVFFAPAKQLALPAAKIDSQWRADGDGYALTLTSDTL
AREVWLSFGDVDATLSDNAFDLLPGEPLTVRVTSKAALAQLQSALQVRDLAATLAGAPPEPQ
;
_entity_poly.pdbx_strand_id   A
#
loop_
_chem_comp.id
_chem_comp.type
_chem_comp.name
_chem_comp.formula
ACT non-polymer 'ACETATE ION' 'C2 H3 O2 -1'
GOL non-polymer GLYCEROL 'C3 H8 O3'
PEG non-polymer DI(HYDROXYETHYL)ETHER 'C4 H10 O3'
#
# COMPACT_ATOMS: atom_id res chain seq x y z
N SER A 1 13.80 -20.80 -34.94
CA SER A 1 14.90 -20.73 -34.00
C SER A 1 14.51 -19.99 -32.72
N HIS A 2 15.51 -19.39 -32.08
CA HIS A 2 15.34 -18.82 -30.76
C HIS A 2 14.58 -17.49 -30.79
N MET A 3 13.56 -17.39 -29.93
CA MET A 3 12.87 -16.12 -29.66
C MET A 3 13.86 -14.98 -29.38
N THR A 4 13.76 -13.87 -30.12
CA THR A 4 14.59 -12.70 -29.83
C THR A 4 13.72 -11.53 -29.36
N ALA A 5 14.25 -10.71 -28.44
CA ALA A 5 13.51 -9.55 -27.97
C ALA A 5 14.43 -8.33 -27.85
N VAL A 6 14.05 -7.22 -28.46
CA VAL A 6 14.81 -5.99 -28.36
C VAL A 6 13.97 -4.97 -27.60
N THR A 7 14.49 -4.40 -26.51
CA THR A 7 13.79 -3.33 -25.78
C THR A 7 14.07 -1.95 -26.35
N LEU A 8 13.01 -1.22 -26.66
CA LEU A 8 13.15 0.13 -27.20
C LEU A 8 13.22 1.17 -26.06
N ASP A 9 14.40 1.27 -25.46
CA ASP A 9 14.60 2.20 -24.36
C ASP A 9 15.76 3.16 -24.66
N GLY A 10 15.90 3.51 -25.93
CA GLY A 10 16.93 4.45 -26.35
C GLY A 10 16.47 5.88 -26.53
N GLY A 11 16.63 6.41 -27.73
CA GLY A 11 16.44 7.82 -28.00
C GLY A 11 15.03 8.36 -28.22
N TRP A 12 14.16 8.17 -27.24
CA TRP A 12 12.84 8.77 -27.35
C TRP A 12 12.92 10.28 -27.18
N ARG A 13 12.06 10.98 -27.91
CA ARG A 13 11.88 12.40 -27.72
C ARG A 13 10.39 12.64 -27.73
N VAL A 14 9.96 13.77 -27.18
CA VAL A 14 8.55 14.09 -27.06
C VAL A 14 8.35 15.58 -27.24
N ARG A 15 7.16 15.95 -27.72
CA ARG A 15 6.72 17.34 -27.78
C ARG A 15 5.20 17.37 -27.69
N LEU A 16 4.64 18.56 -27.47
CA LEU A 16 3.21 18.75 -27.66
C LEU A 16 2.81 18.41 -29.11
N VAL A 17 1.69 17.71 -29.27
CA VAL A 17 1.11 17.56 -30.60
C VAL A 17 0.88 18.97 -31.17
N PRO A 18 1.33 19.21 -32.42
CA PRO A 18 1.20 20.58 -32.93
C PRO A 18 -0.26 21.02 -32.96
N GLY A 19 -0.51 22.33 -32.77
CA GLY A 19 -1.84 22.89 -32.92
C GLY A 19 -2.64 23.16 -31.64
N GLN A 20 -1.96 23.13 -30.50
CA GLN A 20 -2.63 23.35 -29.21
C GLN A 20 -2.24 24.68 -28.61
N GLU A 21 -3.11 25.28 -27.82
CA GLU A 21 -2.76 26.58 -27.23
C GLU A 21 -1.57 26.46 -26.27
N GLN A 22 -1.45 25.31 -25.60
CA GLN A 22 -0.29 25.07 -24.75
C GLN A 22 1.04 25.18 -25.51
N GLY A 23 1.01 24.93 -26.83
CA GLY A 23 2.20 25.08 -27.66
C GLY A 23 2.66 26.53 -27.73
N LYS A 24 1.71 27.45 -27.65
CA LYS A 24 2.02 28.87 -27.67
C LYS A 24 2.50 29.32 -26.29
N THR A 25 1.81 28.86 -25.24
CA THR A 25 2.16 29.21 -23.86
C THR A 25 3.51 28.64 -23.42
N TYR A 26 3.84 27.44 -23.90
CA TYR A 26 5.10 26.76 -23.54
C TYR A 26 5.91 26.32 -24.78
N PRO A 27 6.59 27.28 -25.43
CA PRO A 27 7.34 26.99 -26.66
C PRO A 27 8.38 25.89 -26.50
N LYS A 28 9.03 25.80 -25.34
CA LYS A 28 10.01 24.76 -25.12
C LYS A 28 9.38 23.38 -25.20
N ALA A 29 8.08 23.29 -24.91
CA ALA A 29 7.36 22.01 -24.99
C ALA A 29 6.77 21.74 -26.38
N ALA A 30 6.63 22.80 -27.18
CA ALA A 30 6.33 22.66 -28.62
C ALA A 30 7.56 22.10 -29.40
N ALA A 31 8.76 22.41 -28.93
CA ALA A 31 9.97 21.81 -29.51
C ALA A 31 10.21 20.42 -28.94
N TRP A 32 10.89 19.55 -29.68
CA TRP A 32 11.26 18.22 -29.18
C TRP A 32 12.12 18.35 -27.93
N LEU A 33 11.88 17.48 -26.94
CA LEU A 33 12.75 17.38 -25.76
C LEU A 33 12.98 15.90 -25.44
N PRO A 34 14.04 15.60 -24.68
CA PRO A 34 14.32 14.18 -24.46
C PRO A 34 13.23 13.54 -23.62
N ALA A 35 12.93 12.27 -23.88
CA ALA A 35 11.94 11.53 -23.11
C ALA A 35 12.53 10.22 -22.62
N GLN A 36 12.27 9.90 -21.35
CA GLN A 36 12.66 8.61 -20.80
C GLN A 36 11.52 7.62 -20.94
N VAL A 37 11.87 6.41 -21.37
CA VAL A 37 10.92 5.30 -21.38
C VAL A 37 11.52 4.12 -20.63
N PRO A 38 10.84 3.62 -19.58
CA PRO A 38 9.55 4.09 -19.02
C PRO A 38 9.63 5.48 -18.40
N GLY A 39 8.53 6.24 -18.50
CA GLY A 39 8.51 7.59 -17.98
C GLY A 39 7.11 8.21 -18.01
N ALA A 40 7.07 9.50 -17.70
CA ALA A 40 5.88 10.34 -17.88
C ALA A 40 6.34 11.59 -18.59
N VAL A 41 5.49 12.20 -19.40
CA VAL A 41 5.91 13.46 -20.03
C VAL A 41 6.14 14.50 -18.93
N GLN A 42 5.42 14.38 -17.82
CA GLN A 42 5.60 15.31 -16.69
C GLN A 42 7.03 15.32 -16.17
N THR A 43 7.61 14.12 -15.98
CA THR A 43 8.95 14.07 -15.45
C THR A 43 9.98 14.42 -16.53
N ASP A 44 9.59 14.27 -17.80
CA ASP A 44 10.44 14.73 -18.90
C ASP A 44 10.55 16.24 -18.92
N LEU A 45 9.42 16.88 -18.66
CA LEU A 45 9.32 18.33 -18.58
C LEU A 45 10.08 18.88 -17.38
N ILE A 46 10.02 18.16 -16.27
CA ILE A 46 10.76 18.57 -15.08
C ILE A 46 12.27 18.44 -15.39
N ALA A 47 12.63 17.38 -16.08
CA ALA A 47 14.03 17.10 -16.35
C ALA A 47 14.61 18.14 -17.29
N ALA A 48 13.79 18.61 -18.22
CA ALA A 48 14.19 19.61 -19.19
C ALA A 48 14.10 21.02 -18.61
N LYS A 49 13.75 21.12 -17.33
CA LYS A 49 13.51 22.40 -16.64
C LYS A 49 12.46 23.26 -17.34
N ILE A 50 11.52 22.63 -18.02
CA ILE A 50 10.43 23.39 -18.62
C ILE A 50 9.40 23.80 -17.56
N VAL A 51 9.26 22.96 -16.52
CA VAL A 51 8.46 23.31 -15.34
C VAL A 51 9.28 22.99 -14.09
N PRO A 52 8.98 23.65 -12.97
CA PRO A 52 9.72 23.33 -11.74
C PRO A 52 9.20 22.04 -11.11
N ASP A 53 9.93 21.48 -10.15
CA ASP A 53 9.48 20.31 -9.40
C ASP A 53 8.12 20.60 -8.72
N PRO A 54 7.03 19.92 -9.14
CA PRO A 54 5.69 20.19 -8.57
C PRO A 54 5.58 19.80 -7.09
N PHE A 55 6.51 19.01 -6.56
CA PHE A 55 6.47 18.66 -5.12
C PHE A 55 6.96 19.79 -4.22
N TYR A 56 7.75 20.69 -4.78
CA TYR A 56 8.44 21.72 -4.00
C TYR A 56 7.50 22.92 -3.80
N ARG A 57 7.40 23.34 -2.55
CA ARG A 57 6.55 24.46 -2.14
C ARG A 57 5.17 24.38 -2.77
N ASP A 58 4.72 25.41 -3.49
CA ASP A 58 3.35 25.40 -4.07
C ASP A 58 3.37 25.31 -5.60
N ASN A 59 4.36 24.59 -6.11
CA ASN A 59 4.58 24.44 -7.54
C ASN A 59 3.61 23.48 -8.23
N GLU A 60 2.73 22.83 -7.47
CA GLU A 60 1.85 21.81 -8.05
C GLU A 60 1.06 22.37 -9.23
N GLY A 61 0.48 23.55 -9.04
CA GLY A 61 -0.29 24.20 -10.10
C GLY A 61 0.40 24.40 -11.43
N LYS A 62 1.73 24.54 -11.41
CA LYS A 62 2.49 24.94 -12.59
C LYS A 62 2.65 23.84 -13.63
N ILE A 63 2.28 22.59 -13.30
CA ILE A 63 2.41 21.49 -14.25
C ILE A 63 1.04 20.92 -14.71
N GLN A 64 -0.06 21.51 -14.27
CA GLN A 64 -1.38 20.94 -14.52
C GLN A 64 -1.72 20.96 -16.01
N TRP A 65 -1.13 21.92 -16.72
CA TRP A 65 -1.43 22.05 -18.14
C TRP A 65 -0.99 20.79 -18.90
N ALA A 66 0.06 20.13 -18.42
CA ALA A 66 0.54 18.95 -19.12
C ALA A 66 -0.50 17.80 -19.14
N GLY A 67 -1.32 17.70 -18.11
CA GLY A 67 -2.33 16.66 -18.06
C GLY A 67 -3.58 17.03 -18.85
N LEU A 68 -3.60 18.26 -19.39
CA LEU A 68 -4.70 18.75 -20.24
C LEU A 68 -4.32 18.73 -21.72
N SER A 69 -3.09 18.31 -22.00
CA SER A 69 -2.52 18.39 -23.34
C SER A 69 -2.32 17.03 -23.98
N ASP A 70 -2.15 17.03 -25.29
CA ASP A 70 -1.81 15.83 -26.06
C ASP A 70 -0.34 15.82 -26.41
N TRP A 71 0.28 14.65 -26.38
CA TRP A 71 1.73 14.52 -26.49
C TRP A 71 2.16 13.56 -27.58
N GLN A 72 3.28 13.87 -28.22
CA GLN A 72 3.79 13.10 -29.35
C GLN A 72 5.19 12.58 -29.07
N TYR A 73 5.31 11.27 -28.86
CA TYR A 73 6.61 10.62 -28.68
C TYR A 73 7.13 10.06 -30.01
N GLN A 74 8.46 10.07 -30.17
CA GLN A 74 9.08 9.32 -31.26
C GLN A 74 10.34 8.62 -30.81
N THR A 75 10.59 7.43 -31.34
CA THR A 75 11.94 6.91 -31.32
C THR A 75 12.28 6.28 -32.68
N ARG A 76 13.56 6.33 -33.06
CA ARG A 76 14.05 5.53 -34.18
C ARG A 76 14.67 4.25 -33.64
N PHE A 77 14.65 3.18 -34.43
CA PHE A 77 15.32 1.94 -34.06
C PHE A 77 15.64 1.15 -35.32
N THR A 78 16.60 0.25 -35.20
CA THR A 78 17.10 -0.48 -36.37
C THR A 78 16.58 -1.90 -36.44
N VAL A 79 16.17 -2.35 -37.63
CA VAL A 79 15.78 -3.76 -37.78
C VAL A 79 16.69 -4.42 -38.81
N ASP A 80 17.27 -5.58 -38.48
CA ASP A 80 18.16 -6.21 -39.46
C ASP A 80 17.42 -7.17 -40.41
N ALA A 81 18.10 -7.61 -41.45
CA ALA A 81 17.51 -8.53 -42.42
C ALA A 81 17.05 -9.81 -41.75
N ALA A 82 17.86 -10.30 -40.82
CA ALA A 82 17.59 -11.55 -40.13
C ALA A 82 16.29 -11.49 -39.32
N THR A 83 16.01 -10.34 -38.70
CA THR A 83 14.75 -10.22 -37.95
C THR A 83 13.55 -10.25 -38.90
N LEU A 84 13.65 -9.55 -40.02
CA LEU A 84 12.54 -9.49 -40.97
C LEU A 84 12.27 -10.85 -41.62
N LYS A 85 13.24 -11.75 -41.49
CA LYS A 85 13.14 -13.12 -41.99
C LYS A 85 12.24 -13.99 -41.12
N ARG A 86 12.19 -13.71 -39.81
CA ARG A 86 11.51 -14.57 -38.84
C ARG A 86 10.05 -14.74 -39.19
N GLU A 87 9.46 -15.82 -38.71
CA GLU A 87 8.07 -16.12 -39.03
C GLU A 87 7.10 -15.12 -38.39
N HIS A 88 7.44 -14.62 -37.21
CA HIS A 88 6.62 -13.59 -36.53
C HIS A 88 7.47 -12.44 -36.03
N VAL A 89 7.01 -11.20 -36.23
CA VAL A 89 7.65 -10.04 -35.63
C VAL A 89 6.56 -9.18 -35.02
N GLU A 90 6.66 -8.96 -33.71
CA GLU A 90 5.59 -8.23 -33.03
C GLU A 90 6.17 -7.06 -32.27
N LEU A 91 5.41 -5.97 -32.14
CA LEU A 91 5.77 -4.95 -31.14
C LEU A 91 4.91 -5.17 -29.89
N VAL A 92 5.52 -5.09 -28.70
CA VAL A 92 4.78 -5.27 -27.45
C VAL A 92 4.93 -4.04 -26.56
N PHE A 93 3.80 -3.49 -26.12
CA PHE A 93 3.77 -2.34 -25.22
C PHE A 93 3.26 -2.79 -23.88
N ASP A 94 4.10 -2.77 -22.86
CA ASP A 94 3.70 -3.22 -21.53
C ASP A 94 2.83 -2.19 -20.78
N GLY A 95 2.86 -0.94 -21.23
CA GLY A 95 2.18 0.10 -20.49
C GLY A 95 2.13 1.42 -21.21
N LEU A 96 0.92 1.79 -21.62
CA LEU A 96 0.66 3.06 -22.26
C LEU A 96 -0.40 3.74 -21.40
N ASP A 97 -0.08 4.95 -20.95
CA ASP A 97 -0.91 5.75 -20.05
C ASP A 97 -1.33 7.04 -20.77
N THR A 98 -2.52 7.05 -21.39
CA THR A 98 -3.46 5.92 -21.44
C THR A 98 -4.10 5.83 -22.84
N PHE A 99 -4.76 6.90 -23.26
CA PHE A 99 -5.33 6.96 -24.61
C PHE A 99 -4.20 7.15 -25.60
N ALA A 100 -3.88 6.09 -26.36
CA ALA A 100 -2.71 6.11 -27.24
C ALA A 100 -3.07 5.72 -28.67
N GLU A 101 -2.42 6.41 -29.62
CA GLU A 101 -2.47 6.07 -31.05
C GLU A 101 -1.02 5.90 -31.51
N VAL A 102 -0.70 4.72 -32.02
CA VAL A 102 0.67 4.35 -32.33
C VAL A 102 0.77 4.15 -33.84
N THR A 103 1.79 4.78 -34.43
CA THR A 103 2.09 4.59 -35.86
C THR A 103 3.52 4.08 -36.01
N LEU A 104 3.74 3.31 -37.07
CA LEU A 104 5.04 2.74 -37.35
C LEU A 104 5.38 3.06 -38.80
N ASN A 105 6.49 3.76 -39.01
CA ASN A 105 6.86 4.23 -40.36
C ASN A 105 5.70 4.91 -41.05
N GLY A 106 4.93 5.69 -40.29
CA GLY A 106 3.84 6.51 -40.81
C GLY A 106 2.47 5.84 -40.94
N LYS A 107 2.42 4.55 -40.64
CA LYS A 107 1.20 3.76 -40.83
C LYS A 107 0.58 3.35 -39.48
N GLN A 108 -0.76 3.39 -39.39
CA GLN A 108 -1.48 3.07 -38.15
C GLN A 108 -1.13 1.66 -37.65
N LEU A 109 -0.78 1.55 -36.37
CA LEU A 109 -0.35 0.28 -35.80
C LEU A 109 -1.28 -0.20 -34.69
N LEU A 110 -1.58 0.68 -33.73
CA LEU A 110 -2.29 0.32 -32.51
C LEU A 110 -3.11 1.49 -31.94
N SER A 111 -4.36 1.23 -31.54
CA SER A 111 -5.06 2.15 -30.65
C SER A 111 -5.20 1.45 -29.28
N ALA A 112 -4.84 2.17 -28.21
CA ALA A 112 -4.85 1.63 -26.86
C ALA A 112 -5.62 2.54 -25.91
N ASP A 113 -6.21 1.96 -24.84
CA ASP A 113 -7.03 2.78 -23.94
C ASP A 113 -7.14 2.17 -22.54
N ASN A 114 -6.04 1.66 -22.02
CA ASN A 114 -6.03 1.11 -20.66
C ASN A 114 -4.60 1.06 -20.16
N MET A 115 -4.33 1.92 -19.17
CA MET A 115 -3.05 2.05 -18.49
C MET A 115 -2.46 0.71 -18.05
N PHE A 116 -3.35 -0.25 -17.82
CA PHE A 116 -2.99 -1.48 -17.13
C PHE A 116 -2.96 -2.68 -18.06
N ARG A 117 -3.10 -2.45 -19.36
CA ARG A 117 -3.06 -3.58 -20.30
C ARG A 117 -1.73 -3.66 -21.09
N GLN A 118 -1.39 -4.86 -21.55
CA GLN A 118 -0.25 -5.11 -22.45
C GLN A 118 -0.79 -5.19 -23.87
N TRP A 119 -0.14 -4.53 -24.81
CA TRP A 119 -0.63 -4.53 -26.19
C TRP A 119 0.40 -5.17 -27.11
N ARG A 120 0.01 -6.25 -27.78
CA ARG A 120 0.88 -6.99 -28.72
C ARG A 120 0.33 -6.81 -30.13
N VAL A 121 1.18 -6.44 -31.07
CA VAL A 121 0.69 -6.19 -32.41
C VAL A 121 1.62 -6.76 -33.45
N ASP A 122 1.04 -7.40 -34.46
CA ASP A 122 1.84 -7.91 -35.57
C ASP A 122 2.43 -6.73 -36.35
N ALA A 123 3.77 -6.66 -36.39
CA ALA A 123 4.45 -5.49 -36.98
C ALA A 123 5.22 -5.83 -38.26
N LYS A 124 5.32 -7.11 -38.57
CA LYS A 124 6.28 -7.60 -39.55
C LYS A 124 6.17 -6.89 -40.90
N SER A 125 4.95 -6.76 -41.42
CA SER A 125 4.75 -6.17 -42.74
C SER A 125 4.99 -4.65 -42.73
N LEU A 126 5.00 -4.03 -41.55
CA LEU A 126 5.16 -2.58 -41.49
C LEU A 126 6.59 -2.14 -41.21
N LEU A 127 7.45 -3.10 -40.88
CA LEU A 127 8.83 -2.78 -40.55
C LEU A 127 9.65 -2.73 -41.82
N LYS A 128 10.76 -2.00 -41.81
CA LYS A 128 11.66 -2.05 -42.95
C LYS A 128 13.08 -2.34 -42.49
N ARG A 129 13.89 -2.89 -43.38
CA ARG A 129 15.29 -3.14 -43.10
C ARG A 129 16.03 -1.82 -42.89
N GLY A 130 16.73 -1.70 -41.77
CA GLY A 130 17.39 -0.45 -41.45
C GLY A 130 16.61 0.38 -40.44
N ASP A 131 16.55 1.69 -40.67
CA ASP A 131 15.92 2.63 -39.74
C ASP A 131 14.39 2.54 -39.78
N ASN A 132 13.76 2.59 -38.61
CA ASN A 132 12.32 2.55 -38.46
C ASN A 132 11.89 3.66 -37.52
N LEU A 133 10.73 4.26 -37.76
CA LEU A 133 10.26 5.30 -36.88
C LEU A 133 8.98 4.85 -36.15
N LEU A 134 9.06 4.72 -34.83
CA LEU A 134 7.89 4.47 -34.02
C LEU A 134 7.34 5.77 -33.44
N GLU A 135 6.06 6.03 -33.62
CA GLU A 135 5.45 7.22 -33.02
C GLU A 135 4.24 6.85 -32.15
N VAL A 136 4.20 7.45 -30.95
CA VAL A 136 3.11 7.25 -30.00
C VAL A 136 2.51 8.59 -29.62
N LYS A 137 1.25 8.79 -29.94
CA LYS A 137 0.54 9.98 -29.44
C LYS A 137 -0.39 9.64 -28.26
N LEU A 138 -0.25 10.39 -27.19
CA LEU A 138 -1.04 10.21 -25.99
C LEU A 138 -2.00 11.37 -25.85
N TYR A 139 -3.26 11.06 -25.61
CA TYR A 139 -4.28 12.09 -25.49
C TYR A 139 -4.75 12.27 -24.05
N SER A 140 -4.73 13.53 -23.58
CA SER A 140 -5.26 13.85 -22.26
C SER A 140 -6.65 13.24 -22.10
N PRO A 141 -6.85 12.49 -21.01
CA PRO A 141 -8.16 11.87 -20.75
C PRO A 141 -9.20 12.91 -20.37
N ILE A 142 -8.77 14.02 -19.78
CA ILE A 142 -9.68 15.12 -19.44
C ILE A 142 -10.13 15.83 -20.75
N LYS A 143 -9.18 16.13 -21.61
CA LYS A 143 -9.46 16.81 -22.89
C LYS A 143 -10.40 15.96 -23.76
N LYS A 144 -10.15 14.67 -23.80
CA LYS A 144 -10.90 13.72 -24.61
C LYS A 144 -12.31 13.45 -24.07
N ILE A 145 -12.41 13.22 -22.75
CA ILE A 145 -13.66 12.73 -22.18
C ILE A 145 -14.67 13.83 -21.87
N GLN A 146 -14.21 14.99 -21.43
CA GLN A 146 -15.12 16.05 -21.00
C GLN A 146 -16.14 16.51 -22.06
N PRO A 147 -15.72 16.66 -23.34
CA PRO A 147 -16.72 17.09 -24.34
C PRO A 147 -17.89 16.11 -24.47
N TRP A 148 -17.60 14.82 -24.46
CA TRP A 148 -18.61 13.78 -24.42
C TRP A 148 -19.40 13.83 -23.11
N LEU A 149 -18.70 13.96 -21.97
CA LEU A 149 -19.35 13.93 -20.68
C LEU A 149 -20.31 15.08 -20.53
N ALA A 150 -19.91 16.24 -21.03
CA ALA A 150 -20.73 17.45 -20.88
C ALA A 150 -22.11 17.29 -21.53
N LYS A 151 -22.22 16.40 -22.51
CA LYS A 151 -23.48 16.17 -23.19
C LYS A 151 -24.34 15.04 -22.62
N GLN A 152 -23.86 14.32 -21.61
CA GLN A 152 -24.57 13.15 -21.06
C GLN A 152 -25.66 13.59 -20.11
N PRO A 153 -26.73 12.78 -19.99
CA PRO A 153 -27.81 13.10 -19.04
C PRO A 153 -27.31 13.19 -17.63
N TYR A 154 -26.30 12.41 -17.26
CA TYR A 154 -25.75 12.56 -15.92
C TYR A 154 -24.25 12.24 -15.95
N ALA A 155 -23.52 12.61 -14.90
CA ALA A 155 -22.16 12.12 -14.70
C ALA A 155 -22.21 11.14 -13.54
N LEU A 156 -21.55 9.99 -13.67
CA LEU A 156 -21.51 9.02 -12.58
C LEU A 156 -20.76 9.62 -11.36
N PRO A 157 -21.18 9.24 -10.15
CA PRO A 157 -20.41 9.63 -8.97
C PRO A 157 -18.97 9.17 -9.11
N GLY A 158 -18.01 10.07 -8.88
CA GLY A 158 -16.63 9.77 -9.23
C GLY A 158 -15.69 9.78 -8.04
N ALA A 159 -14.74 10.71 -8.05
CA ALA A 159 -13.72 10.76 -7.01
C ALA A 159 -13.60 12.18 -6.49
N TYR A 160 -12.46 12.84 -6.71
CA TYR A 160 -12.22 14.21 -6.21
C TYR A 160 -12.36 15.27 -7.29
N ASP A 161 -12.93 16.41 -6.92
CA ASP A 161 -12.97 17.55 -7.84
C ASP A 161 -11.55 18.05 -8.13
N SER A 162 -11.37 18.70 -9.27
CA SER A 162 -10.14 19.39 -9.55
C SER A 162 -10.07 20.65 -8.70
N ALA A 163 -9.00 20.81 -7.94
CA ALA A 163 -8.72 22.02 -7.19
C ALA A 163 -8.34 23.19 -8.10
N PHE A 164 -8.14 22.89 -9.37
CA PHE A 164 -7.73 23.89 -10.35
C PHE A 164 -8.88 24.29 -11.26
N GLY A 165 -10.08 23.81 -10.93
CA GLY A 165 -11.27 24.11 -11.70
C GLY A 165 -11.25 23.69 -13.15
N ASP A 166 -10.48 22.67 -13.52
CA ASP A 166 -10.38 22.36 -14.95
C ASP A 166 -11.24 21.15 -15.36
N GLU A 167 -12.03 20.65 -14.41
CA GLU A 167 -13.22 19.84 -14.74
C GLU A 167 -14.37 20.40 -13.95
N PRO A 168 -15.62 20.22 -14.45
CA PRO A 168 -16.79 20.69 -13.67
C PRO A 168 -16.92 19.96 -12.34
N GLU A 169 -17.42 20.62 -11.30
CA GLU A 169 -17.77 19.94 -10.06
C GLU A 169 -18.63 18.69 -10.30
N ALA A 170 -18.23 17.60 -9.65
CA ALA A 170 -19.01 16.36 -9.66
C ALA A 170 -19.24 15.82 -11.08
N ARG A 171 -18.41 16.23 -12.02
CA ARG A 171 -18.39 15.59 -13.34
C ARG A 171 -16.95 15.19 -13.71
N HIS A 172 -16.58 13.99 -13.27
CA HIS A 172 -15.19 13.51 -13.36
C HIS A 172 -14.91 12.57 -14.55
N SER A 173 -13.92 12.96 -15.36
CA SER A 173 -13.50 12.11 -16.47
C SER A 173 -12.87 10.80 -15.94
N SER A 174 -12.23 10.87 -14.76
CA SER A 174 -11.52 9.74 -14.18
C SER A 174 -12.38 8.46 -14.10
N THR A 175 -13.68 8.62 -14.00
CA THR A 175 -14.59 7.49 -13.85
C THR A 175 -14.63 6.62 -15.10
N TYR A 176 -14.42 7.26 -16.24
CA TYR A 176 -14.70 6.64 -17.52
C TYR A 176 -13.46 6.06 -18.21
N VAL A 177 -12.30 6.18 -17.59
CA VAL A 177 -11.05 5.75 -18.20
C VAL A 177 -10.31 4.77 -17.27
N ARG A 178 -9.76 3.68 -17.82
CA ARG A 178 -8.92 2.79 -17.02
C ARG A 178 -7.51 3.36 -16.85
N LYS A 179 -7.38 4.20 -15.82
CA LYS A 179 -6.17 4.91 -15.48
C LYS A 179 -6.15 5.02 -13.95
N ALA A 180 -4.97 4.84 -13.34
CA ALA A 180 -4.80 4.92 -11.88
C ALA A 180 -5.58 6.07 -11.25
N PRO A 181 -6.60 5.75 -10.44
CA PRO A 181 -7.48 6.79 -9.91
C PRO A 181 -6.73 7.90 -9.19
N TYR A 182 -5.65 7.56 -8.48
CA TYR A 182 -4.95 8.58 -7.70
C TYR A 182 -4.22 9.65 -8.55
N ASN A 183 -3.98 9.36 -9.85
CA ASN A 183 -3.41 10.38 -10.74
C ASN A 183 -4.25 11.66 -10.76
N PHE A 184 -5.56 11.51 -10.56
CA PHE A 184 -6.45 12.68 -10.64
C PHE A 184 -6.48 13.50 -9.35
N GLY A 185 -5.60 13.15 -8.41
CA GLY A 185 -5.51 13.79 -7.11
C GLY A 185 -6.35 13.05 -6.07
N TRP A 186 -5.82 12.99 -4.85
CA TRP A 186 -6.53 12.33 -3.76
C TRP A 186 -6.31 13.17 -2.51
N ASP A 187 -6.87 12.78 -1.38
CA ASP A 187 -6.74 13.69 -0.24
C ASP A 187 -5.42 13.55 0.56
N TRP A 188 -4.44 12.84 0.00
CA TRP A 188 -3.07 12.81 0.53
C TRP A 188 -2.05 12.98 -0.60
N GLY A 189 -2.48 13.37 -1.79
CA GLY A 189 -1.54 13.42 -2.91
C GLY A 189 -1.88 14.52 -3.92
N PRO A 190 -0.92 14.88 -4.75
CA PRO A 190 -1.15 15.94 -5.74
C PRO A 190 -1.92 15.41 -6.96
N ARG A 191 -2.53 16.32 -7.68
CA ARG A 191 -3.13 15.98 -8.95
C ARG A 191 -2.06 15.96 -10.03
N MET A 192 -1.70 14.76 -10.49
CA MET A 192 -0.69 14.60 -11.52
C MET A 192 -1.22 13.65 -12.59
N VAL A 193 -1.93 14.19 -13.57
CA VAL A 193 -2.64 13.37 -14.52
C VAL A 193 -1.63 12.92 -15.57
N ASN A 194 -0.85 11.92 -15.19
CA ASN A 194 0.32 11.57 -16.01
C ASN A 194 -0.07 11.09 -17.39
N ALA A 195 0.71 11.47 -18.40
CA ALA A 195 0.67 10.85 -19.72
C ALA A 195 2.06 10.24 -19.91
N GLY A 196 2.13 8.99 -20.34
CA GLY A 196 3.45 8.45 -20.62
C GLY A 196 3.48 7.03 -21.12
N ILE A 197 4.58 6.71 -21.81
CA ILE A 197 4.91 5.33 -22.09
C ILE A 197 5.53 4.85 -20.79
N TRP A 198 4.71 4.31 -19.89
CA TRP A 198 5.16 4.17 -18.52
C TRP A 198 5.71 2.78 -18.20
N LYS A 199 5.70 1.89 -19.19
CA LYS A 199 6.42 0.61 -19.09
C LYS A 199 7.15 0.29 -20.41
N ASP A 200 7.93 -0.81 -20.41
CA ASP A 200 8.80 -1.13 -21.55
C ASP A 200 8.05 -1.35 -22.87
N VAL A 201 8.78 -1.14 -23.95
CA VAL A 201 8.35 -1.46 -25.31
C VAL A 201 9.35 -2.45 -25.91
N ARG A 202 8.89 -3.49 -26.59
CA ARG A 202 9.84 -4.45 -27.19
C ARG A 202 9.47 -4.79 -28.59
N VAL A 203 10.49 -5.09 -29.40
CA VAL A 203 10.29 -5.78 -30.66
C VAL A 203 10.63 -7.25 -30.41
N GLU A 204 9.66 -8.14 -30.59
CA GLU A 204 9.87 -9.57 -30.34
C GLU A 204 9.73 -10.32 -31.64
N ALA A 205 10.61 -11.29 -31.85
CA ALA A 205 10.56 -12.06 -33.09
C ALA A 205 10.75 -13.53 -32.73
N TRP A 206 9.99 -14.40 -33.39
CA TRP A 206 10.03 -15.82 -33.08
C TRP A 206 9.59 -16.62 -34.29
N ASP A 207 9.74 -17.93 -34.20
CA ASP A 207 9.46 -18.79 -35.35
C ASP A 207 8.36 -19.82 -35.10
N ALA A 208 8.74 -21.03 -34.65
CA ALA A 208 7.78 -22.09 -34.47
C ALA A 208 6.83 -21.81 -33.29
N VAL A 209 7.41 -21.45 -32.15
CA VAL A 209 6.71 -21.42 -30.86
C VAL A 209 7.12 -20.19 -30.04
N ARG A 210 6.15 -19.60 -29.34
CA ARG A 210 6.40 -18.50 -28.41
C ARG A 210 5.92 -18.96 -27.04
N VAL A 211 6.79 -18.87 -26.04
CA VAL A 211 6.40 -19.28 -24.68
C VAL A 211 5.69 -18.11 -24.04
N ASP A 212 4.40 -18.27 -23.77
CA ASP A 212 3.65 -17.16 -23.18
C ASP A 212 3.60 -17.18 -21.68
N GLY A 213 3.67 -18.36 -21.07
CA GLY A 213 3.68 -18.41 -19.63
C GLY A 213 3.99 -19.75 -19.02
N LEU A 214 4.36 -19.69 -17.75
CA LEU A 214 4.52 -20.85 -16.87
C LEU A 214 3.75 -20.54 -15.59
N HIS A 215 2.81 -21.41 -15.23
CA HIS A 215 2.06 -21.21 -14.02
C HIS A 215 2.10 -22.48 -13.22
N ILE A 216 2.48 -22.39 -11.95
CA ILE A 216 2.46 -23.56 -11.07
C ILE A 216 1.13 -23.54 -10.32
N ALA A 217 0.17 -24.32 -10.82
CA ALA A 217 -1.17 -24.31 -10.26
C ALA A 217 -1.22 -25.17 -9.00
N GLN A 218 -1.46 -24.57 -7.85
CA GLN A 218 -1.49 -25.35 -6.60
C GLN A 218 -2.88 -25.92 -6.45
N GLN A 219 -2.98 -27.25 -6.57
CA GLN A 219 -4.25 -27.96 -6.48
C GLN A 219 -4.63 -28.30 -5.04
N ARG A 220 -3.67 -28.74 -4.25
CA ARG A 220 -3.87 -28.96 -2.81
C ARG A 220 -2.54 -28.93 -2.08
N VAL A 221 -2.52 -28.32 -0.90
CA VAL A 221 -1.28 -28.19 -0.15
C VAL A 221 -1.56 -28.40 1.32
N ASP A 222 -0.86 -29.35 1.91
CA ASP A 222 -1.00 -29.56 3.34
C ASP A 222 0.33 -30.12 3.84
N ALA A 223 0.40 -30.46 5.12
CA ALA A 223 1.67 -30.89 5.70
C ALA A 223 2.23 -32.14 5.00
N HIS A 224 1.31 -33.01 4.61
CA HIS A 224 1.65 -34.34 4.07
C HIS A 224 2.12 -34.27 2.61
N SER A 225 1.48 -33.42 1.81
CA SER A 225 1.86 -33.32 0.39
C SER A 225 1.39 -32.02 -0.27
N ALA A 226 2.09 -31.62 -1.32
CA ALA A 226 1.55 -30.62 -2.23
C ALA A 226 1.40 -31.22 -3.62
N GLN A 227 0.19 -31.18 -4.17
CA GLN A 227 -0.03 -31.56 -5.55
C GLN A 227 -0.18 -30.32 -6.41
N VAL A 228 0.73 -30.15 -7.36
CA VAL A 228 0.68 -29.02 -8.26
C VAL A 228 0.67 -29.48 -9.71
N GLN A 229 0.50 -28.54 -10.61
CA GLN A 229 0.50 -28.82 -12.02
C GLN A 229 1.23 -27.69 -12.72
N ALA A 230 2.42 -27.94 -13.27
CA ALA A 230 3.08 -26.88 -14.03
C ALA A 230 2.36 -26.73 -15.36
N GLN A 231 1.91 -25.51 -15.67
CA GLN A 231 1.15 -25.31 -16.91
C GLN A 231 1.89 -24.37 -17.83
N LEU A 232 2.26 -24.87 -19.00
CA LEU A 232 2.97 -24.07 -20.00
C LEU A 232 1.99 -23.60 -21.05
N ASP A 233 1.90 -22.28 -21.27
CA ASP A 233 1.12 -21.72 -22.37
C ASP A 233 2.02 -21.48 -23.55
N LEU A 234 1.73 -22.13 -24.67
CA LEU A 234 2.52 -22.01 -25.88
C LEU A 234 1.70 -21.48 -27.02
N GLN A 235 2.20 -20.41 -27.61
CA GLN A 235 1.62 -19.94 -28.86
C GLN A 235 2.42 -20.51 -30.02
N ALA A 236 1.71 -21.11 -30.98
CA ALA A 236 2.37 -21.74 -32.12
C ALA A 236 1.87 -21.15 -33.43
N GLY A 237 2.78 -21.00 -34.40
CA GLY A 237 2.37 -20.56 -35.72
C GLY A 237 2.13 -21.73 -36.66
N ARG A 238 2.59 -22.91 -36.27
CA ARG A 238 2.41 -24.11 -37.06
C ARG A 238 2.46 -25.37 -36.22
N SER A 239 1.85 -26.43 -36.73
CA SER A 239 1.70 -27.68 -36.01
C SER A 239 3.04 -28.41 -35.93
N GLY A 240 3.35 -29.01 -34.78
CA GLY A 240 4.62 -29.73 -34.66
C GLY A 240 4.92 -30.21 -33.27
N PRO A 241 5.90 -31.13 -33.14
CA PRO A 241 6.30 -31.65 -31.82
C PRO A 241 6.97 -30.60 -30.91
N VAL A 242 6.72 -30.72 -29.62
CA VAL A 242 7.52 -30.00 -28.62
C VAL A 242 7.85 -30.96 -27.50
N GLN A 243 8.93 -30.68 -26.78
CA GLN A 243 9.19 -31.39 -25.56
C GLN A 243 9.45 -30.41 -24.44
N VAL A 244 8.73 -30.61 -23.35
CA VAL A 244 8.89 -29.83 -22.15
C VAL A 244 9.65 -30.62 -21.10
N THR A 245 10.68 -30.02 -20.54
CA THR A 245 11.33 -30.62 -19.41
C THR A 245 11.20 -29.67 -18.24
N LEU A 246 11.14 -30.23 -17.03
CA LEU A 246 10.84 -29.47 -15.82
C LEU A 246 11.72 -29.93 -14.66
N ASP A 247 12.59 -29.04 -14.21
CA ASP A 247 13.37 -29.28 -13.00
C ASP A 247 12.66 -28.61 -11.81
N VAL A 248 12.52 -29.33 -10.70
CA VAL A 248 12.04 -28.72 -9.48
C VAL A 248 13.15 -28.69 -8.43
N LEU A 249 13.47 -27.50 -7.95
CA LEU A 249 14.49 -27.27 -6.92
C LEU A 249 13.86 -26.85 -5.60
N GLY A 250 14.32 -27.43 -4.50
CA GLY A 250 13.81 -27.11 -3.17
C GLY A 250 14.33 -25.78 -2.64
N PRO A 251 13.86 -25.37 -1.45
CA PRO A 251 14.32 -24.12 -0.84
C PRO A 251 15.84 -24.04 -0.72
N ASP A 252 16.47 -25.19 -0.52
CA ASP A 252 17.91 -25.27 -0.31
C ASP A 252 18.70 -25.34 -1.62
N GLY A 253 17.98 -25.31 -2.74
CA GLY A 253 18.62 -25.34 -4.04
C GLY A 253 18.84 -26.73 -4.63
N GLN A 254 18.62 -27.77 -3.83
CA GLN A 254 18.82 -29.14 -4.29
C GLN A 254 17.67 -29.59 -5.17
N LYS A 255 17.97 -30.49 -6.11
CA LYS A 255 16.94 -30.99 -7.00
C LYS A 255 16.02 -31.88 -6.19
N VAL A 256 14.71 -31.71 -6.38
CA VAL A 256 13.76 -32.62 -5.74
C VAL A 256 13.06 -33.43 -6.81
N GLY A 257 13.05 -32.93 -8.03
CA GLY A 257 12.35 -33.64 -9.09
C GLY A 257 12.74 -33.21 -10.48
N GLN A 258 12.48 -34.09 -11.43
CA GLN A 258 12.66 -33.75 -12.83
C GLN A 258 11.65 -34.51 -13.66
N PHE A 259 11.05 -33.82 -14.64
CA PHE A 259 9.90 -34.34 -15.35
C PHE A 259 10.04 -34.01 -16.83
N THR A 260 9.41 -34.82 -17.68
CA THR A 260 9.42 -34.60 -19.13
C THR A 260 8.03 -34.85 -19.68
N GLN A 261 7.58 -34.03 -20.62
CA GLN A 261 6.31 -34.31 -21.29
C GLN A 261 6.42 -33.94 -22.76
N ASP A 262 6.01 -34.85 -23.63
CA ASP A 262 5.97 -34.55 -25.06
C ASP A 262 4.57 -34.10 -25.47
N ALA A 263 4.49 -33.26 -26.51
CA ALA A 263 3.17 -32.90 -27.05
C ALA A 263 3.29 -32.45 -28.48
N VAL A 264 2.16 -32.37 -29.17
CA VAL A 264 2.15 -31.75 -30.49
C VAL A 264 1.33 -30.47 -30.39
N VAL A 265 1.88 -29.35 -30.81
CA VAL A 265 1.16 -28.08 -30.70
C VAL A 265 0.56 -27.76 -32.03
N ASP A 266 -0.52 -26.99 -32.03
CA ASP A 266 -1.23 -26.64 -33.25
C ASP A 266 -1.31 -25.12 -33.35
N PRO A 267 -1.58 -24.57 -34.56
CA PRO A 267 -1.58 -23.11 -34.69
C PRO A 267 -2.46 -22.44 -33.63
N GLY A 268 -1.93 -21.43 -32.96
CA GLY A 268 -2.64 -20.72 -31.91
C GLY A 268 -2.27 -21.15 -30.51
N GLN A 269 -3.24 -21.23 -29.61
CA GLN A 269 -2.95 -21.47 -28.18
C GLN A 269 -2.87 -22.94 -27.79
N ASN A 270 -1.88 -23.28 -26.97
CA ASN A 270 -1.68 -24.66 -26.53
C ASN A 270 -1.32 -24.65 -25.07
N ARG A 271 -1.76 -25.65 -24.33
CA ARG A 271 -1.23 -25.75 -22.98
C ARG A 271 -0.66 -27.12 -22.70
N VAL A 272 0.55 -27.14 -22.19
CA VAL A 272 1.15 -28.41 -21.77
C VAL A 272 1.23 -28.43 -20.24
N ASP A 273 0.61 -29.46 -19.64
CA ASP A 273 0.58 -29.58 -18.19
C ASP A 273 1.46 -30.72 -17.66
N LEU A 274 2.25 -30.43 -16.61
CA LEU A 274 3.03 -31.47 -15.95
C LEU A 274 2.65 -31.61 -14.47
N ALA A 275 2.07 -32.76 -14.10
CA ALA A 275 1.70 -32.98 -12.72
C ALA A 275 2.94 -33.23 -11.84
N VAL A 276 2.96 -32.59 -10.68
CA VAL A 276 4.07 -32.73 -9.75
C VAL A 276 3.56 -32.88 -8.33
N ARG A 277 4.02 -33.91 -7.62
CA ARG A 277 3.65 -34.04 -6.22
C ARG A 277 4.91 -33.92 -5.37
N ILE A 278 4.82 -33.11 -4.33
CA ILE A 278 5.92 -32.94 -3.38
C ILE A 278 5.48 -33.46 -2.04
N ALA A 279 6.13 -34.54 -1.58
CA ALA A 279 5.83 -35.07 -0.26
C ALA A 279 6.41 -34.17 0.82
N ASN A 280 5.73 -34.11 1.96
CA ASN A 280 6.18 -33.31 3.09
C ASN A 280 6.74 -31.97 2.65
N PRO A 281 5.92 -31.18 1.94
CA PRO A 281 6.50 -29.96 1.36
C PRO A 281 7.00 -28.98 2.43
N LYS A 282 8.02 -28.21 2.08
CA LYS A 282 8.44 -27.10 2.90
C LYS A 282 7.62 -25.87 2.50
N ARG A 283 6.58 -25.58 3.28
CA ARG A 283 5.56 -24.64 2.83
C ARG A 283 5.96 -23.17 3.13
N TRP A 284 5.35 -22.25 2.39
CA TRP A 284 5.56 -20.82 2.58
C TRP A 284 4.61 -20.31 3.66
N PHE A 285 5.14 -19.61 4.66
CA PHE A 285 4.35 -19.01 5.74
C PHE A 285 4.53 -17.49 5.76
N PRO A 286 3.51 -16.75 6.22
CA PRO A 286 3.77 -15.32 6.38
C PRO A 286 4.74 -15.02 7.52
N ALA A 287 5.20 -13.77 7.59
CA ALA A 287 6.08 -13.34 8.66
C ALA A 287 5.43 -13.64 10.01
N GLY A 288 6.20 -14.30 10.87
CA GLY A 288 5.79 -14.58 12.24
C GLY A 288 5.20 -15.97 12.40
N TYR A 289 5.07 -16.70 11.30
CA TYR A 289 4.45 -18.03 11.36
C TYR A 289 5.31 -19.11 10.74
N GLY A 290 6.58 -18.81 10.57
CA GLY A 290 7.53 -19.78 10.08
C GLY A 290 8.38 -19.21 8.97
N ALA A 291 8.98 -20.09 8.16
CA ALA A 291 9.85 -19.68 7.06
C ALA A 291 9.08 -19.30 5.80
N GLN A 292 9.66 -18.41 5.01
CA GLN A 292 9.12 -18.10 3.70
C GLN A 292 9.73 -19.02 2.63
N ASP A 293 9.66 -20.33 2.85
CA ASP A 293 10.32 -21.30 1.97
C ASP A 293 9.70 -21.26 0.59
N ARG A 294 10.54 -21.28 -0.43
CA ARG A 294 10.07 -21.30 -1.82
C ARG A 294 10.79 -22.36 -2.67
N TYR A 295 10.05 -22.99 -3.57
CA TYR A 295 10.62 -23.90 -4.59
C TYR A 295 10.85 -23.16 -5.89
N THR A 296 11.80 -23.63 -6.71
CA THR A 296 12.00 -23.07 -8.04
C THR A 296 11.61 -24.11 -9.10
N PHE A 297 10.70 -23.73 -10.00
CA PHE A 297 10.26 -24.57 -11.12
C PHE A 297 10.90 -24.06 -12.41
N VAL A 298 11.79 -24.87 -12.99
CA VAL A 298 12.51 -24.46 -14.18
C VAL A 298 12.05 -25.27 -15.38
N ALA A 299 11.41 -24.62 -16.34
CA ALA A 299 10.93 -25.32 -17.52
C ALA A 299 11.75 -24.97 -18.74
N SER A 300 11.89 -25.95 -19.61
CA SER A 300 12.55 -25.73 -20.88
C SER A 300 11.66 -26.36 -21.95
N VAL A 301 11.44 -25.63 -23.03
CA VAL A 301 10.62 -26.14 -24.11
C VAL A 301 11.43 -26.20 -25.38
N ARG A 302 11.52 -27.40 -25.93
CA ARG A 302 12.25 -27.67 -27.16
C ARG A 302 11.25 -27.69 -28.30
N ASP A 303 11.33 -26.75 -29.23
CA ASP A 303 10.33 -26.70 -30.30
C ASP A 303 10.74 -27.63 -31.45
N ALA A 304 9.97 -27.58 -32.53
CA ALA A 304 10.16 -28.52 -33.63
C ALA A 304 11.51 -28.33 -34.33
N ASP A 305 12.09 -27.14 -34.23
CA ASP A 305 13.36 -26.84 -34.89
C ASP A 305 14.55 -27.09 -33.99
N GLY A 306 14.34 -27.76 -32.86
CA GLY A 306 15.42 -28.15 -31.97
C GLY A 306 15.86 -27.10 -30.97
N ASP A 307 15.38 -25.87 -31.13
CA ASP A 307 15.79 -24.80 -30.24
C ASP A 307 15.04 -24.88 -28.91
N SER A 308 15.73 -24.55 -27.83
CA SER A 308 15.12 -24.59 -26.50
C SER A 308 14.95 -23.20 -25.92
N GLN A 309 13.96 -23.06 -25.05
CA GLN A 309 13.62 -21.79 -24.45
C GLN A 309 13.30 -22.09 -22.99
N GLN A 310 13.96 -21.40 -22.07
CA GLN A 310 13.75 -21.63 -20.66
C GLN A 310 12.74 -20.62 -20.07
N ILE A 311 12.02 -21.02 -19.02
CA ILE A 311 11.21 -20.08 -18.25
C ILE A 311 11.13 -20.63 -16.83
N LYS A 312 11.31 -19.74 -15.85
CA LYS A 312 11.33 -20.11 -14.43
C LYS A 312 10.20 -19.45 -13.66
N ARG A 313 9.73 -20.11 -12.62
CA ARG A 313 8.83 -19.50 -11.64
C ARG A 313 9.29 -19.90 -10.26
N VAL A 314 9.36 -18.92 -9.37
CA VAL A 314 9.63 -19.18 -7.97
C VAL A 314 8.28 -19.28 -7.25
N THR A 315 8.08 -20.39 -6.54
CA THR A 315 6.78 -20.78 -5.99
C THR A 315 6.86 -20.86 -4.48
N GLY A 316 5.85 -20.34 -3.79
CA GLY A 316 5.69 -20.64 -2.38
C GLY A 316 4.45 -21.50 -2.22
N LEU A 317 4.64 -22.74 -1.73
CA LEU A 317 3.54 -23.67 -1.54
C LEU A 317 2.77 -23.34 -0.27
N ARG A 318 1.50 -23.02 -0.43
CA ARG A 318 0.66 -22.83 0.73
C ARG A 318 -0.81 -22.84 0.40
N SER A 319 -1.60 -23.18 1.39
CA SER A 319 -3.04 -23.17 1.23
C SER A 319 -3.57 -21.86 1.78
N VAL A 320 -4.63 -21.34 1.15
CA VAL A 320 -5.25 -20.08 1.54
C VAL A 320 -6.75 -20.27 1.66
N GLU A 321 -7.30 -19.92 2.81
CA GLU A 321 -8.74 -20.01 2.99
C GLU A 321 -9.26 -18.70 3.58
N LEU A 322 -10.30 -18.13 2.98
CA LEU A 322 -11.02 -17.04 3.61
C LEU A 322 -12.18 -17.67 4.36
N ARG A 323 -12.01 -17.83 5.66
CA ARG A 323 -12.99 -18.55 6.47
C ARG A 323 -14.06 -17.62 6.99
N ARG A 324 -15.31 -17.96 6.70
CA ARG A 324 -16.46 -17.17 7.13
C ARG A 324 -17.50 -18.10 7.70
N GLU A 325 -17.46 -18.29 9.02
CA GLU A 325 -18.37 -19.24 9.65
C GLU A 325 -19.20 -18.52 10.71
N LYS A 326 -20.43 -18.98 10.90
CA LYS A 326 -21.32 -18.33 11.85
C LYS A 326 -20.86 -18.65 13.28
N ASP A 327 -20.89 -17.61 14.11
CA ASP A 327 -20.48 -17.76 15.50
C ASP A 327 -21.23 -16.70 16.30
N ARG A 328 -20.85 -16.51 17.56
CA ARG A 328 -21.66 -15.65 18.43
C ARG A 328 -21.50 -14.15 18.11
N PHE A 329 -20.60 -13.81 17.19
CA PHE A 329 -20.38 -12.41 16.80
C PHE A 329 -20.94 -12.12 15.41
N GLY A 330 -21.64 -13.09 14.81
CA GLY A 330 -22.19 -12.93 13.48
C GLY A 330 -21.58 -13.94 12.52
N LYS A 331 -20.82 -13.46 11.53
CA LYS A 331 -20.12 -14.38 10.61
C LYS A 331 -18.67 -13.94 10.52
N SER A 332 -17.76 -14.86 10.77
CA SER A 332 -16.33 -14.53 10.82
C SER A 332 -15.73 -14.11 9.47
N MET A 333 -14.60 -13.41 9.53
CA MET A 333 -13.82 -13.12 8.33
C MET A 333 -12.34 -13.26 8.64
N GLU A 334 -11.77 -14.40 8.29
CA GLU A 334 -10.40 -14.68 8.69
C GLU A 334 -9.58 -15.28 7.56
N ILE A 335 -8.34 -14.79 7.45
CA ILE A 335 -7.34 -15.29 6.53
C ILE A 335 -6.69 -16.49 7.20
N VAL A 336 -6.79 -17.65 6.56
CA VAL A 336 -6.27 -18.88 7.13
C VAL A 336 -5.23 -19.41 6.16
N ILE A 337 -3.97 -19.44 6.62
CA ILE A 337 -2.84 -19.81 5.76
C ILE A 337 -2.25 -21.12 6.28
N ASN A 338 -2.14 -22.13 5.43
CA ASN A 338 -1.68 -23.46 5.87
C ASN A 338 -2.41 -23.93 7.11
N GLY A 339 -3.72 -23.64 7.18
CA GLY A 339 -4.57 -24.08 8.27
C GLY A 339 -4.50 -23.24 9.53
N ILE A 340 -3.66 -22.20 9.53
CA ILE A 340 -3.51 -21.32 10.68
C ILE A 340 -4.29 -20.02 10.51
N PRO A 341 -5.29 -19.79 11.38
CA PRO A 341 -5.97 -18.50 11.29
C PRO A 341 -5.00 -17.39 11.70
N ILE A 342 -4.71 -16.49 10.75
CA ILE A 342 -3.80 -15.39 10.95
C ILE A 342 -4.58 -14.12 11.21
N PHE A 343 -4.45 -13.56 12.42
CA PHE A 343 -4.99 -12.23 12.69
C PHE A 343 -4.19 -11.29 11.81
N ALA A 344 -4.84 -10.62 10.85
CA ALA A 344 -4.07 -9.75 9.94
C ALA A 344 -3.57 -8.47 10.64
N LYS A 345 -2.26 -8.25 10.58
CA LYS A 345 -1.63 -7.07 11.14
C LYS A 345 -0.88 -6.25 10.08
N GLY A 346 -1.37 -5.04 9.80
CA GLY A 346 -0.68 -4.24 8.81
C GLY A 346 -1.39 -2.96 8.48
N ALA A 347 -1.42 -2.66 7.18
CA ALA A 347 -1.83 -1.36 6.74
C ALA A 347 -2.14 -1.38 5.25
N ASN A 348 -2.64 -0.24 4.79
CA ASN A 348 -2.98 -0.04 3.40
C ASN A 348 -1.83 0.62 2.64
N LEU A 349 -1.44 -0.03 1.55
CA LEU A 349 -0.36 0.38 0.68
C LEU A 349 -0.88 1.18 -0.52
N ILE A 350 -0.36 2.38 -0.71
CA ILE A 350 -0.71 3.17 -1.88
C ILE A 350 0.53 3.24 -2.80
N PRO A 351 0.43 3.86 -3.99
CA PRO A 351 1.66 3.94 -4.80
C PRO A 351 2.82 4.63 -4.07
N LEU A 352 4.04 4.39 -4.55
CA LEU A 352 5.25 4.86 -3.85
C LEU A 352 5.65 6.24 -4.34
N ASP A 353 4.95 6.72 -5.37
CA ASP A 353 5.27 8.01 -6.01
C ASP A 353 4.09 8.51 -6.86
N ALA A 354 3.95 9.83 -6.97
CA ALA A 354 2.97 10.41 -7.90
C ALA A 354 3.36 10.08 -9.32
N PHE A 355 4.67 9.83 -9.52
CA PHE A 355 5.19 9.40 -10.82
C PHE A 355 5.70 7.96 -10.69
N PRO A 356 4.83 6.98 -11.00
CA PRO A 356 5.16 5.58 -10.68
C PRO A 356 6.32 4.99 -11.53
N ALA A 357 6.58 5.54 -12.72
CA ALA A 357 7.65 5.02 -13.56
C ALA A 357 9.05 5.24 -12.96
N ARG A 358 9.24 6.26 -12.13
CA ARG A 358 10.60 6.48 -11.64
C ARG A 358 10.91 5.77 -10.32
N VAL A 359 10.03 4.88 -9.84
CA VAL A 359 10.29 4.25 -8.55
C VAL A 359 11.39 3.20 -8.66
N THR A 360 12.35 3.25 -7.74
CA THR A 360 13.48 2.34 -7.76
C THR A 360 13.18 1.03 -7.03
N HIS A 361 13.87 -0.04 -7.42
CA HIS A 361 13.81 -1.29 -6.68
C HIS A 361 14.14 -1.08 -5.20
N GLU A 362 15.11 -0.20 -4.93
CA GLU A 362 15.48 0.11 -3.55
C GLU A 362 14.29 0.59 -2.75
N ARG A 363 13.54 1.53 -3.30
CA ARG A 363 12.36 2.04 -2.62
C ARG A 363 11.27 0.99 -2.45
N MET A 364 11.09 0.14 -3.46
CA MET A 364 10.11 -0.94 -3.36
C MET A 364 10.50 -1.84 -2.18
N ARG A 365 11.78 -2.19 -2.12
CA ARG A 365 12.22 -3.10 -1.06
C ARG A 365 12.16 -2.46 0.33
N SER A 366 12.58 -1.19 0.46
CA SER A 366 12.59 -0.65 1.82
C SER A 366 11.14 -0.45 2.30
N THR A 367 10.20 -0.24 1.39
CA THR A 367 8.80 -0.05 1.79
C THR A 367 8.23 -1.32 2.45
N LEU A 368 8.54 -2.46 1.85
CA LEU A 368 8.21 -3.76 2.39
C LEU A 368 9.01 -4.10 3.63
N GLN A 369 10.29 -3.70 3.64
CA GLN A 369 11.11 -3.96 4.81
C GLN A 369 10.57 -3.16 6.00
N ASP A 370 10.08 -1.94 5.75
CA ASP A 370 9.41 -1.15 6.79
C ASP A 370 8.25 -1.91 7.44
N ALA A 371 7.42 -2.50 6.58
CA ALA A 371 6.25 -3.28 7.04
C ALA A 371 6.69 -4.48 7.86
N ARG A 372 7.65 -5.24 7.32
CA ARG A 372 8.20 -6.37 8.04
C ARG A 372 8.82 -5.96 9.40
N ASP A 373 9.56 -4.85 9.41
CA ASP A 373 10.20 -4.33 10.64
C ASP A 373 9.20 -3.89 11.70
N ALA A 374 7.98 -3.55 11.30
CA ALA A 374 6.95 -3.16 12.27
C ALA A 374 6.00 -4.33 12.62
N ASN A 375 6.49 -5.54 12.44
CA ASN A 375 5.76 -6.75 12.80
C ASN A 375 4.47 -6.91 12.04
N MET A 376 4.41 -6.35 10.84
CA MET A 376 3.22 -6.51 10.03
C MET A 376 3.30 -7.84 9.28
N ASN A 377 2.15 -8.39 8.94
CA ASN A 377 2.10 -9.59 8.13
C ASN A 377 1.22 -9.44 6.88
N MET A 378 0.55 -8.29 6.71
CA MET A 378 -0.21 -8.05 5.50
C MET A 378 -0.17 -6.59 5.04
N LEU A 379 -0.07 -6.38 3.73
CA LEU A 379 -0.43 -5.06 3.18
C LEU A 379 -1.61 -5.20 2.21
N ARG A 380 -2.57 -4.28 2.30
CA ARG A 380 -3.61 -4.22 1.29
C ARG A 380 -3.21 -3.19 0.23
N MET A 381 -3.06 -3.64 -1.01
CA MET A 381 -2.69 -2.75 -2.11
C MET A 381 -3.97 -2.14 -2.64
N TRP A 382 -4.25 -0.92 -2.17
CA TRP A 382 -5.50 -0.21 -2.39
C TRP A 382 -5.85 0.12 -3.87
N GLY A 383 -7.12 -0.07 -4.22
CA GLY A 383 -7.58 0.04 -5.58
C GLY A 383 -7.56 1.39 -6.28
N GLY A 384 -7.24 2.47 -5.58
CA GLY A 384 -7.09 3.74 -6.25
C GLY A 384 -5.69 3.92 -6.81
N GLY A 385 -4.86 2.88 -6.75
CA GLY A 385 -3.44 3.02 -7.13
C GLY A 385 -3.11 2.43 -8.48
N HIS A 386 -2.01 1.67 -8.56
CA HIS A 386 -1.70 0.85 -9.75
C HIS A 386 -1.23 -0.54 -9.30
N TYR A 387 -1.30 -1.54 -10.18
CA TYR A 387 -0.73 -2.85 -9.87
C TYR A 387 0.79 -2.70 -9.77
N GLN A 388 1.44 -3.38 -8.81
CA GLN A 388 2.85 -3.09 -8.58
C GLN A 388 3.80 -3.75 -9.58
N ASP A 389 5.06 -3.33 -9.54
CA ASP A 389 6.14 -3.93 -10.33
C ASP A 389 6.38 -5.38 -9.90
N ASP A 390 6.74 -6.29 -10.84
CA ASP A 390 7.00 -7.69 -10.48
C ASP A 390 7.95 -7.79 -9.27
N TYR A 391 8.99 -6.96 -9.25
CA TYR A 391 10.01 -6.97 -8.18
C TYR A 391 9.42 -6.73 -6.79
N PHE A 392 8.45 -5.82 -6.70
CA PHE A 392 7.76 -5.57 -5.45
C PHE A 392 7.15 -6.86 -4.85
N TYR A 393 6.45 -7.62 -5.67
CA TYR A 393 5.85 -8.87 -5.21
C TYR A 393 6.93 -9.89 -4.87
N ASP A 394 8.00 -9.90 -5.63
CA ASP A 394 9.14 -10.78 -5.34
C ASP A 394 9.63 -10.57 -3.90
N VAL A 395 9.81 -9.31 -3.53
CA VAL A 395 10.24 -8.96 -2.18
C VAL A 395 9.21 -9.35 -1.13
N ALA A 396 7.94 -9.11 -1.39
CA ALA A 396 6.90 -9.52 -0.48
C ALA A 396 6.95 -11.05 -0.26
N ASP A 397 7.16 -11.80 -1.33
CA ASP A 397 7.36 -13.26 -1.22
C ASP A 397 8.53 -13.57 -0.27
N GLU A 398 9.62 -12.83 -0.42
CA GLU A 398 10.82 -13.14 0.35
C GLU A 398 10.62 -12.79 1.82
N LEU A 399 9.94 -11.69 2.08
CA LEU A 399 9.78 -11.22 3.46
C LEU A 399 8.54 -11.76 4.17
N GLY A 400 7.64 -12.41 3.42
CA GLY A 400 6.46 -12.98 4.07
C GLY A 400 5.37 -11.95 4.43
N ILE A 401 5.29 -10.89 3.63
CA ILE A 401 4.22 -9.91 3.73
C ILE A 401 3.09 -10.33 2.79
N MET A 402 1.95 -10.69 3.36
CA MET A 402 0.80 -11.08 2.54
C MET A 402 0.26 -9.85 1.82
N ILE A 403 -0.18 -10.03 0.57
CA ILE A 403 -0.79 -8.94 -0.18
C ILE A 403 -2.27 -9.20 -0.43
N TRP A 404 -3.09 -8.28 0.05
CA TRP A 404 -4.51 -8.18 -0.28
C TRP A 404 -4.56 -7.29 -1.51
N GLN A 405 -4.84 -7.89 -2.66
CA GLN A 405 -4.67 -7.18 -3.94
C GLN A 405 -6.00 -6.64 -4.48
N ASP A 406 -6.25 -5.33 -4.33
CA ASP A 406 -7.40 -4.75 -5.00
C ASP A 406 -7.16 -4.74 -6.50
N PHE A 407 -8.20 -4.96 -7.29
CA PHE A 407 -8.21 -4.44 -8.68
C PHE A 407 -8.32 -2.90 -8.61
N MET A 408 -7.81 -2.21 -9.64
CA MET A 408 -7.59 -0.76 -9.51
C MET A 408 -8.83 0.11 -9.81
N PHE A 409 -9.81 -0.06 -8.93
CA PHE A 409 -11.07 0.72 -8.84
C PHE A 409 -11.10 1.31 -7.44
N GLY A 410 -11.20 2.62 -7.35
CA GLY A 410 -10.96 3.33 -6.09
C GLY A 410 -12.22 3.89 -5.41
N GLY A 411 -13.39 3.74 -6.02
CA GLY A 411 -14.63 4.11 -5.36
C GLY A 411 -15.66 4.71 -6.28
N ALA A 412 -15.20 5.14 -7.46
CA ALA A 412 -16.08 5.66 -8.49
C ALA A 412 -17.10 4.61 -8.93
N VAL A 413 -18.28 5.06 -9.31
CA VAL A 413 -19.29 4.17 -9.81
C VAL A 413 -19.00 3.96 -11.28
N PRO A 414 -18.73 2.71 -11.68
CA PRO A 414 -18.38 2.45 -13.08
C PRO A 414 -19.56 2.52 -14.05
N PRO A 415 -19.30 2.90 -15.29
CA PRO A 415 -20.34 2.81 -16.32
C PRO A 415 -20.64 1.35 -16.63
N TYR A 416 -21.81 1.08 -17.20
CA TYR A 416 -22.28 -0.30 -17.40
C TYR A 416 -22.25 -0.74 -18.87
N ASP A 417 -21.57 0.02 -19.73
CA ASP A 417 -21.49 -0.39 -21.13
C ASP A 417 -20.58 -1.61 -21.25
N VAL A 418 -20.89 -2.46 -22.23
CA VAL A 418 -20.14 -3.70 -22.49
C VAL A 418 -18.66 -3.44 -22.82
N GLU A 419 -18.40 -2.38 -23.59
CA GLU A 419 -17.02 -2.08 -24.00
C GLU A 419 -16.12 -1.81 -22.77
N PHE A 420 -16.59 -0.99 -21.85
CA PHE A 420 -15.86 -0.73 -20.61
C PHE A 420 -15.61 -2.02 -19.89
N ARG A 421 -16.65 -2.82 -19.81
CA ARG A 421 -16.59 -4.07 -19.07
C ARG A 421 -15.56 -5.04 -19.66
N GLU A 422 -15.55 -5.18 -20.98
CA GLU A 422 -14.62 -6.12 -21.61
C GLU A 422 -13.19 -5.60 -21.66
N ASN A 423 -13.02 -4.28 -21.71
CA ASN A 423 -11.72 -3.64 -21.54
C ASN A 423 -11.16 -4.02 -20.14
N THR A 424 -11.98 -3.80 -19.12
CA THR A 424 -11.57 -4.09 -17.77
C THR A 424 -11.29 -5.60 -17.56
N ARG A 425 -12.09 -6.47 -18.21
CA ARG A 425 -11.90 -7.92 -18.10
C ARG A 425 -10.51 -8.27 -18.59
N GLN A 426 -10.12 -7.73 -19.75
CA GLN A 426 -8.80 -8.06 -20.29
C GLN A 426 -7.68 -7.58 -19.36
N GLU A 427 -7.82 -6.37 -18.81
CA GLU A 427 -6.91 -5.93 -17.75
C GLU A 427 -6.79 -6.95 -16.61
N ALA A 428 -7.91 -7.46 -16.11
CA ALA A 428 -7.92 -8.38 -14.99
C ALA A 428 -7.20 -9.68 -15.35
N ILE A 429 -7.50 -10.21 -16.53
CA ILE A 429 -6.88 -11.45 -16.99
C ILE A 429 -5.35 -11.31 -17.00
N GLU A 430 -4.86 -10.22 -17.58
CA GLU A 430 -3.41 -10.04 -17.66
C GLU A 430 -2.74 -9.83 -16.28
N GLN A 431 -3.38 -9.09 -15.41
CA GLN A 431 -2.80 -8.82 -14.09
C GLN A 431 -2.82 -10.09 -13.22
N VAL A 432 -3.93 -10.82 -13.27
CA VAL A 432 -4.03 -12.05 -12.50
C VAL A 432 -3.00 -13.08 -13.03
N LYS A 433 -2.89 -13.21 -14.36
CA LYS A 433 -1.90 -14.12 -14.94
C LYS A 433 -0.46 -13.69 -14.58
N ARG A 434 -0.25 -12.37 -14.50
CA ARG A 434 1.07 -11.82 -14.16
C ARG A 434 1.45 -12.05 -12.69
N LEU A 435 0.48 -11.89 -11.78
CA LEU A 435 0.79 -11.91 -10.33
C LEU A 435 0.53 -13.22 -9.61
N ARG A 436 -0.18 -14.14 -10.27
CA ARG A 436 -0.73 -15.33 -9.58
C ARG A 436 0.32 -16.23 -8.93
N ASP A 437 1.51 -16.30 -9.51
CA ASP A 437 2.50 -17.21 -8.97
C ASP A 437 3.27 -16.68 -7.76
N HIS A 438 2.99 -15.45 -7.35
CA HIS A 438 3.56 -14.94 -6.10
C HIS A 438 2.84 -15.51 -4.87
N PRO A 439 3.56 -16.25 -4.01
CA PRO A 439 2.92 -16.77 -2.80
C PRO A 439 2.35 -15.65 -1.91
N SER A 440 2.92 -14.47 -1.93
CA SER A 440 2.42 -13.43 -1.03
C SER A 440 1.00 -12.98 -1.39
N LEU A 441 0.56 -13.19 -2.63
CA LEU A 441 -0.75 -12.69 -3.04
C LEU A 441 -1.81 -13.70 -2.60
N VAL A 442 -2.54 -13.37 -1.54
CA VAL A 442 -3.46 -14.32 -0.92
C VAL A 442 -4.94 -13.94 -1.04
N LEU A 443 -5.23 -12.78 -1.59
CA LEU A 443 -6.64 -12.37 -1.77
C LEU A 443 -6.71 -11.31 -2.89
N TRP A 444 -7.71 -11.47 -3.74
CA TRP A 444 -8.08 -10.49 -4.79
C TRP A 444 -9.38 -9.80 -4.38
N CYS A 445 -9.47 -8.50 -4.60
CA CYS A 445 -10.60 -7.74 -4.14
C CYS A 445 -11.07 -6.83 -5.29
N GLY A 446 -12.38 -6.79 -5.56
CA GLY A 446 -12.87 -6.10 -6.76
C GLY A 446 -12.64 -4.60 -6.81
N ASN A 447 -12.73 -3.94 -5.66
CA ASN A 447 -12.53 -2.48 -5.63
C ASN A 447 -12.37 -1.99 -4.22
N ASN A 448 -12.00 -0.71 -4.11
CA ASN A 448 -12.11 0.04 -2.88
C ASN A 448 -13.42 0.82 -2.80
N GLU A 449 -14.24 0.49 -1.80
CA GLU A 449 -15.39 1.31 -1.37
C GLU A 449 -16.56 1.61 -2.35
N VAL A 450 -16.65 0.93 -3.50
CA VAL A 450 -17.74 1.29 -4.42
C VAL A 450 -19.11 1.03 -3.78
N GLN A 451 -19.32 -0.15 -3.19
CA GLN A 451 -20.64 -0.43 -2.63
C GLN A 451 -20.94 0.44 -1.39
N THR A 452 -19.96 0.62 -0.51
CA THR A 452 -20.30 1.36 0.73
C THR A 452 -20.58 2.82 0.39
N GLY A 453 -19.87 3.34 -0.59
CA GLY A 453 -20.14 4.67 -1.11
C GLY A 453 -21.54 4.75 -1.68
N TRP A 454 -21.94 3.75 -2.45
CA TRP A 454 -23.28 3.75 -3.05
C TRP A 454 -24.36 3.76 -1.97
N GLU A 455 -24.10 3.06 -0.88
CA GLU A 455 -25.05 2.90 0.20
C GLU A 455 -24.98 4.04 1.25
N ASN A 456 -23.81 4.65 1.43
CA ASN A 456 -23.63 5.51 2.59
C ASN A 456 -23.18 6.92 2.33
N TRP A 457 -22.64 7.22 1.16
CA TRP A 457 -22.20 8.60 0.89
C TRP A 457 -23.32 9.47 0.33
N GLY A 458 -23.47 10.66 0.89
CA GLY A 458 -24.60 11.51 0.53
C GLY A 458 -24.74 11.75 -0.95
N ASP A 459 -23.62 11.95 -1.65
CA ASP A 459 -23.73 12.27 -3.06
C ASP A 459 -24.25 11.06 -3.87
N ARG A 460 -23.80 9.85 -3.52
CA ARG A 460 -24.27 8.63 -4.18
C ARG A 460 -25.75 8.42 -3.89
N VAL A 461 -26.15 8.59 -2.64
CA VAL A 461 -27.55 8.39 -2.28
C VAL A 461 -28.43 9.36 -3.05
N LYS A 462 -28.02 10.62 -3.12
CA LYS A 462 -28.80 11.59 -3.88
C LYS A 462 -28.83 11.22 -5.36
N PHE A 463 -27.69 10.77 -5.91
CA PHE A 463 -27.62 10.42 -7.34
C PHE A 463 -28.53 9.24 -7.67
N LYS A 464 -28.47 8.18 -6.85
CA LYS A 464 -29.20 6.98 -7.20
C LYS A 464 -30.71 7.18 -7.02
N GLN A 465 -31.09 8.13 -6.18
CA GLN A 465 -32.49 8.46 -6.01
C GLN A 465 -32.96 9.50 -7.05
N SER A 466 -32.04 10.14 -7.76
CA SER A 466 -32.40 11.11 -8.80
C SER A 466 -32.63 10.52 -10.20
N VAL A 467 -31.88 9.50 -10.58
CA VAL A 467 -32.15 8.83 -11.84
C VAL A 467 -33.46 8.05 -11.77
N ASP A 468 -34.07 7.76 -12.91
CA ASP A 468 -35.22 6.82 -13.01
C ASP A 468 -34.81 5.50 -12.34
N PRO A 469 -35.74 4.88 -11.58
CA PRO A 469 -35.46 3.59 -10.94
C PRO A 469 -34.97 2.54 -11.95
N GLU A 470 -35.40 2.59 -13.21
CA GLU A 470 -34.92 1.59 -14.16
C GLU A 470 -33.46 1.86 -14.53
N GLU A 471 -33.06 3.14 -14.49
CA GLU A 471 -31.67 3.49 -14.75
C GLU A 471 -30.80 3.11 -13.54
N ARG A 472 -31.32 3.35 -12.34
CA ARG A 472 -30.64 2.86 -11.14
C ARG A 472 -30.36 1.34 -11.23
N THR A 473 -31.35 0.60 -11.73
CA THR A 473 -31.23 -0.85 -11.89
C THR A 473 -30.13 -1.17 -12.91
N ARG A 474 -30.03 -0.39 -13.97
CA ARG A 474 -28.99 -0.64 -15.00
C ARG A 474 -27.59 -0.45 -14.41
N ILE A 475 -27.44 0.61 -13.63
CA ILE A 475 -26.17 0.95 -13.01
C ILE A 475 -25.79 -0.05 -11.91
N GLU A 476 -26.76 -0.44 -11.08
CA GLU A 476 -26.46 -1.42 -10.05
C GLU A 476 -26.09 -2.76 -10.70
N ARG A 477 -26.82 -3.13 -11.77
CA ARG A 477 -26.56 -4.38 -12.46
C ARG A 477 -25.15 -4.39 -13.03
N GLY A 478 -24.73 -3.27 -13.60
CA GLY A 478 -23.41 -3.17 -14.20
C GLY A 478 -22.31 -3.39 -13.17
N MET A 479 -22.47 -2.75 -12.02
CA MET A 479 -21.54 -2.91 -10.90
C MET A 479 -21.49 -4.34 -10.37
N THR A 480 -22.68 -4.91 -10.17
CA THR A 480 -22.76 -6.27 -9.63
C THR A 480 -22.10 -7.26 -10.59
N THR A 481 -22.30 -7.05 -11.89
CA THR A 481 -21.62 -7.88 -12.87
C THR A 481 -20.11 -7.70 -12.85
N LEU A 482 -19.63 -6.46 -12.92
CA LEU A 482 -18.17 -6.19 -12.97
C LEU A 482 -17.42 -6.74 -11.77
N PHE A 483 -17.93 -6.41 -10.59
CA PHE A 483 -17.24 -6.74 -9.34
C PHE A 483 -17.70 -8.10 -8.77
N GLY A 484 -18.91 -8.53 -9.13
CA GLY A 484 -19.44 -9.80 -8.64
C GLY A 484 -19.13 -10.97 -9.56
N THR A 485 -19.08 -10.69 -10.87
CA THR A 485 -18.95 -11.78 -11.83
C THR A 485 -17.63 -11.78 -12.59
N VAL A 486 -17.31 -10.65 -13.20
CA VAL A 486 -16.19 -10.58 -14.14
C VAL A 486 -14.85 -10.87 -13.43
N PHE A 487 -14.55 -10.11 -12.39
CA PHE A 487 -13.29 -10.28 -11.69
C PHE A 487 -13.27 -11.64 -10.99
N ARG A 488 -14.42 -12.03 -10.43
CA ARG A 488 -14.50 -13.29 -9.70
C ARG A 488 -14.16 -14.47 -10.60
N GLU A 489 -14.68 -14.45 -11.84
CA GLU A 489 -14.45 -15.51 -12.83
C GLU A 489 -12.98 -15.52 -13.25
N VAL A 490 -12.38 -14.36 -13.40
CA VAL A 490 -10.97 -14.29 -13.80
C VAL A 490 -10.10 -14.97 -12.75
N VAL A 491 -10.35 -14.63 -11.48
CA VAL A 491 -9.63 -15.25 -10.38
C VAL A 491 -9.95 -16.76 -10.28
N ALA A 492 -11.23 -17.14 -10.38
CA ALA A 492 -11.58 -18.56 -10.39
C ALA A 492 -10.91 -19.32 -11.54
N THR A 493 -10.79 -18.71 -12.71
CA THR A 493 -10.19 -19.37 -13.86
C THR A 493 -8.65 -19.44 -13.82
N TYR A 494 -8.01 -18.36 -13.40
CA TYR A 494 -6.54 -18.29 -13.49
C TYR A 494 -5.77 -18.42 -12.16
N ASP A 495 -6.43 -18.17 -11.02
CA ASP A 495 -5.71 -18.20 -9.74
C ASP A 495 -6.64 -18.86 -8.73
N SER A 496 -7.04 -20.08 -9.08
CA SER A 496 -8.16 -20.80 -8.47
C SER A 496 -8.04 -21.05 -6.98
N ASP A 497 -6.82 -21.05 -6.46
CA ASP A 497 -6.64 -21.44 -5.06
C ASP A 497 -6.65 -20.26 -4.11
N VAL A 498 -6.88 -19.04 -4.61
CA VAL A 498 -6.97 -17.90 -3.69
C VAL A 498 -8.37 -17.24 -3.75
N PRO A 499 -8.85 -16.71 -2.61
CA PRO A 499 -10.22 -16.20 -2.55
C PRO A 499 -10.38 -14.85 -3.22
N TYR A 500 -11.64 -14.55 -3.59
CA TYR A 500 -11.97 -13.29 -4.17
C TYR A 500 -13.02 -12.59 -3.28
N TRP A 501 -12.92 -11.27 -3.24
CA TRP A 501 -13.74 -10.41 -2.39
C TRP A 501 -14.30 -9.29 -3.27
N ALA A 502 -15.63 -9.16 -3.38
CA ALA A 502 -16.21 -8.21 -4.36
C ALA A 502 -15.81 -6.75 -4.12
N THR A 503 -15.74 -6.35 -2.85
CA THR A 503 -15.53 -4.93 -2.52
C THR A 503 -15.04 -4.79 -1.07
N SER A 504 -14.14 -3.83 -0.82
CA SER A 504 -13.69 -3.50 0.53
C SER A 504 -14.13 -2.08 0.84
N PRO A 505 -15.00 -1.88 1.87
CA PRO A 505 -15.53 -2.90 2.78
C PRO A 505 -16.79 -3.56 2.28
N GLY A 506 -17.07 -4.79 2.71
CA GLY A 506 -18.26 -5.47 2.20
C GLY A 506 -18.50 -6.85 2.77
N THR A 507 -19.55 -7.50 2.28
CA THR A 507 -19.84 -8.87 2.64
C THR A 507 -19.93 -9.71 1.34
N ASP A 508 -19.09 -9.36 0.37
CA ASP A 508 -19.00 -10.09 -0.91
C ASP A 508 -20.36 -10.19 -1.61
N PHE A 509 -21.13 -9.11 -1.50
CA PHE A 509 -22.47 -8.98 -2.12
C PHE A 509 -23.51 -9.90 -1.51
N ASP A 510 -23.17 -10.59 -0.42
CA ASP A 510 -24.19 -11.28 0.38
C ASP A 510 -25.23 -10.31 0.89
N GLY A 511 -24.75 -9.15 1.36
CA GLY A 511 -25.60 -8.15 1.97
C GLY A 511 -24.99 -6.77 1.82
N ALA A 512 -25.35 -5.86 2.70
CA ALA A 512 -24.79 -4.52 2.66
C ALA A 512 -23.31 -4.49 3.06
N ALA A 513 -22.71 -3.33 2.84
CA ALA A 513 -21.31 -3.10 3.13
C ALA A 513 -21.12 -2.50 4.53
N ASP A 514 -19.88 -2.54 5.04
CA ASP A 514 -19.54 -1.87 6.30
C ASP A 514 -20.36 -2.36 7.49
N GLN A 515 -20.59 -3.66 7.59
CA GLN A 515 -21.27 -4.25 8.73
C GLN A 515 -20.28 -4.50 9.86
N THR A 516 -20.80 -4.64 11.08
CA THR A 516 -19.93 -5.05 12.19
C THR A 516 -19.96 -6.55 12.48
N ASN A 517 -20.87 -7.29 11.84
CA ASN A 517 -20.98 -8.71 12.18
C ASN A 517 -20.83 -9.66 10.99
N ASP A 518 -20.15 -9.21 9.95
CA ASP A 518 -20.04 -9.95 8.70
C ASP A 518 -19.12 -9.10 7.80
N GLY A 519 -18.09 -9.73 7.24
CA GLY A 519 -17.24 -9.03 6.28
C GLY A 519 -16.34 -7.99 6.90
N ASP A 520 -15.83 -7.05 6.10
CA ASP A 520 -14.90 -6.07 6.65
C ASP A 520 -15.52 -4.66 6.73
N MET A 521 -14.79 -3.75 7.38
CA MET A 521 -15.24 -2.39 7.66
C MET A 521 -14.11 -1.38 7.39
N HIS A 522 -14.48 -0.23 6.84
CA HIS A 522 -13.60 0.93 6.78
C HIS A 522 -14.16 1.93 7.81
N TYR A 523 -13.54 2.07 8.97
CA TYR A 523 -14.15 2.91 10.01
C TYR A 523 -13.53 4.31 10.03
N TRP A 524 -14.35 5.28 9.67
CA TRP A 524 -13.91 6.65 9.46
C TRP A 524 -14.72 7.72 10.21
N LYS A 525 -15.50 7.32 11.21
CA LYS A 525 -16.23 8.30 12.04
C LYS A 525 -15.28 8.93 13.08
N VAL A 526 -14.15 8.27 13.32
CA VAL A 526 -12.97 8.95 13.84
C VAL A 526 -12.10 9.46 12.66
N TRP A 527 -11.58 10.68 12.81
CA TRP A 527 -10.98 11.53 11.77
C TRP A 527 -12.02 12.13 10.85
N GLY A 528 -12.76 11.28 10.12
CA GLY A 528 -13.78 11.76 9.20
C GLY A 528 -15.15 11.97 9.80
N GLY A 529 -16.11 12.37 8.96
CA GLY A 529 -17.49 12.59 9.40
C GLY A 529 -17.66 13.43 10.64
N PRO A 530 -18.31 12.89 11.68
CA PRO A 530 -18.54 13.60 12.95
C PRO A 530 -17.24 13.86 13.74
N ALA A 531 -16.10 13.32 13.27
CA ALA A 531 -14.81 13.54 13.94
C ALA A 531 -14.86 13.24 15.45
N LEU A 532 -15.32 12.03 15.79
CA LEU A 532 -15.44 11.59 17.17
C LEU A 532 -14.06 11.46 17.82
N PRO A 533 -14.01 11.55 19.17
CA PRO A 533 -12.77 11.36 19.96
C PRO A 533 -12.11 10.00 19.70
N VAL A 534 -10.80 9.89 19.81
CA VAL A 534 -10.12 8.64 19.51
C VAL A 534 -10.58 7.46 20.40
N THR A 535 -11.05 7.74 21.61
CA THR A 535 -11.54 6.65 22.47
C THR A 535 -12.77 5.98 21.89
N GLU A 536 -13.42 6.62 20.93
CA GLU A 536 -14.56 5.99 20.27
C GLU A 536 -14.14 4.72 19.51
N TYR A 537 -12.85 4.62 19.15
CA TYR A 537 -12.32 3.37 18.58
C TYR A 537 -12.60 2.15 19.46
N LEU A 538 -12.73 2.38 20.77
CA LEU A 538 -12.89 1.26 21.71
C LEU A 538 -14.30 0.68 21.65
N ASN A 539 -15.20 1.40 21.02
CA ASN A 539 -16.61 1.03 20.93
C ASN A 539 -17.01 0.40 19.61
N VAL A 540 -16.03 0.17 18.73
CA VAL A 540 -16.33 -0.29 17.38
C VAL A 540 -15.50 -1.53 17.13
N THR A 541 -16.15 -2.67 16.88
CA THR A 541 -15.43 -3.94 16.73
C THR A 541 -16.05 -4.78 15.60
N PRO A 542 -15.60 -4.56 14.34
CA PRO A 542 -16.08 -5.37 13.21
C PRO A 542 -15.30 -6.69 13.14
N ARG A 543 -15.75 -7.60 12.28
CA ARG A 543 -15.07 -8.90 12.16
C ARG A 543 -13.68 -8.74 11.53
N PHE A 544 -13.47 -7.67 10.76
CA PHE A 544 -12.16 -7.39 10.14
C PHE A 544 -12.11 -5.90 9.84
N MET A 545 -11.11 -5.18 10.34
CA MET A 545 -11.05 -3.74 10.10
C MET A 545 -10.00 -3.44 9.03
N SER A 546 -10.44 -3.15 7.82
CA SER A 546 -9.51 -3.02 6.68
C SER A 546 -9.12 -1.57 6.35
N GLU A 547 -9.78 -0.58 6.96
CA GLU A 547 -9.26 0.80 7.03
C GLU A 547 -9.70 1.50 8.32
N TYR A 548 -8.82 2.40 8.80
CA TYR A 548 -9.09 3.41 9.83
C TYR A 548 -7.82 4.22 9.95
N GLY A 549 -7.89 5.49 10.37
CA GLY A 549 -6.65 6.23 10.46
C GLY A 549 -6.75 7.63 11.07
N LEU A 550 -5.58 8.19 11.33
CA LEU A 550 -5.44 9.57 11.80
C LEU A 550 -4.32 10.21 11.01
N GLN A 551 -4.43 11.52 10.78
CA GLN A 551 -3.43 12.20 9.97
C GLN A 551 -2.26 12.77 10.79
N SER A 552 -1.12 12.99 10.15
CA SER A 552 0.02 13.67 10.80
C SER A 552 0.96 14.29 9.77
N PHE A 553 1.88 15.12 10.25
CA PHE A 553 2.92 15.67 9.38
C PHE A 553 4.09 14.70 9.26
N PRO A 554 4.81 14.75 8.11
CA PRO A 554 5.98 13.92 7.83
C PRO A 554 7.15 14.39 8.68
N ASP A 555 8.30 13.75 8.54
CA ASP A 555 9.45 14.08 9.37
C ASP A 555 9.84 15.53 9.15
N MET A 556 10.40 16.19 10.15
CA MET A 556 10.91 17.56 9.93
C MET A 556 11.90 17.66 8.76
N ARG A 557 12.71 16.63 8.53
CA ARG A 557 13.63 16.67 7.40
C ARG A 557 12.88 16.68 6.06
N THR A 558 11.75 16.00 6.05
CA THR A 558 10.93 15.90 4.85
C THR A 558 10.22 17.24 4.62
N VAL A 559 9.78 17.85 5.71
CA VAL A 559 9.15 19.17 5.63
C VAL A 559 10.13 20.20 5.05
N ARG A 560 11.36 20.16 5.55
CA ARG A 560 12.38 21.09 5.06
C ARG A 560 12.71 20.82 3.60
N ALA A 561 12.42 19.60 3.15
CA ALA A 561 12.66 19.26 1.77
C ALA A 561 11.67 19.93 0.83
N PHE A 562 10.46 20.22 1.29
CA PHE A 562 9.49 20.83 0.38
C PHE A 562 9.11 22.27 0.74
N ALA A 563 9.60 22.75 1.89
CA ALA A 563 9.18 24.07 2.34
C ALA A 563 10.40 24.88 2.75
N GLU A 564 10.29 26.21 2.69
CA GLU A 564 11.40 27.08 3.12
C GLU A 564 11.11 27.69 4.49
N PRO A 565 12.15 28.27 5.16
CA PRO A 565 11.94 28.66 6.56
C PRO A 565 10.77 29.64 6.75
N GLY A 566 10.49 30.46 5.74
CA GLY A 566 9.35 31.37 5.84
C GLY A 566 7.98 30.71 5.70
N ASP A 567 7.95 29.44 5.29
CA ASP A 567 6.70 28.68 5.12
C ASP A 567 6.29 27.89 6.40
N MET A 568 7.08 27.93 7.45
CA MET A 568 6.94 26.95 8.53
C MET A 568 5.82 27.25 9.53
N ASP A 569 4.59 27.01 9.09
CA ASP A 569 3.36 27.34 9.81
C ASP A 569 2.28 26.59 9.05
N PRO A 570 1.48 25.74 9.74
CA PRO A 570 0.48 24.90 9.04
C PRO A 570 -0.50 25.70 8.19
N GLU A 571 -0.62 27.00 8.48
CA GLU A 571 -1.54 27.85 7.74
C GLU A 571 -0.92 28.61 6.58
N SER A 572 0.38 28.44 6.33
CA SER A 572 1.01 29.10 5.17
C SER A 572 0.41 28.54 3.86
N PRO A 573 0.51 29.31 2.76
CA PRO A 573 0.06 28.77 1.48
C PRO A 573 0.77 27.46 1.12
N VAL A 574 2.07 27.36 1.43
CA VAL A 574 2.81 26.16 1.06
C VAL A 574 2.34 24.95 1.89
N MET A 575 2.15 25.12 3.20
CA MET A 575 1.65 23.99 4.01
C MET A 575 0.21 23.61 3.66
N ARG A 576 -0.60 24.59 3.25
CA ARG A 576 -1.97 24.32 2.82
C ARG A 576 -1.99 23.50 1.53
N VAL A 577 -1.05 23.78 0.64
CA VAL A 577 -0.90 23.01 -0.59
C VAL A 577 -0.57 21.55 -0.25
N HIS A 578 0.17 21.36 0.84
CA HIS A 578 0.66 20.01 1.15
C HIS A 578 -0.28 19.29 2.12
N GLN A 579 -1.40 19.93 2.41
CA GLN A 579 -2.48 19.36 3.22
C GLN A 579 -3.67 19.17 2.30
N LYS A 580 -3.95 17.91 1.92
CA LYS A 580 -5.00 17.71 0.92
C LYS A 580 -6.35 17.30 1.51
N PHE A 581 -6.45 17.16 2.84
CA PHE A 581 -7.76 16.77 3.40
C PHE A 581 -8.76 17.91 3.36
N ASP A 582 -10.01 17.57 3.06
CA ASP A 582 -11.14 18.48 3.05
C ASP A 582 -10.88 19.76 2.24
N LYS A 583 -10.38 19.57 1.01
CA LYS A 583 -10.19 20.64 0.03
C LYS A 583 -9.37 21.79 0.57
N GLY A 584 -8.19 21.47 1.11
CA GLY A 584 -7.27 22.47 1.63
C GLY A 584 -7.54 22.93 3.06
N ASN A 585 -8.75 22.63 3.54
CA ASN A 585 -9.25 22.99 4.86
C ASN A 585 -8.88 21.96 5.96
N GLY A 586 -8.00 21.03 5.62
CA GLY A 586 -7.67 19.92 6.50
C GLY A 586 -6.98 20.26 7.81
N ASN A 587 -6.29 21.40 7.87
CA ASN A 587 -5.61 21.77 9.13
C ASN A 587 -6.60 21.93 10.27
N LYS A 588 -7.83 22.35 9.94
CA LYS A 588 -8.84 22.51 10.98
C LYS A 588 -9.11 21.17 11.64
N ARG A 589 -9.24 20.12 10.83
CA ARG A 589 -9.50 18.79 11.39
C ARG A 589 -8.29 18.26 12.17
N LEU A 590 -7.10 18.51 11.65
CA LEU A 590 -5.88 18.08 12.32
C LEU A 590 -5.72 18.78 13.67
N MET A 591 -5.98 20.08 13.69
CA MET A 591 -5.86 20.83 14.94
C MET A 591 -6.91 20.39 15.95
N LEU A 592 -8.10 20.04 15.48
CA LEU A 592 -9.15 19.55 16.38
C LEU A 592 -8.60 18.38 17.21
N TYR A 593 -7.99 17.41 16.53
CA TYR A 593 -7.50 16.24 17.22
C TYR A 593 -6.24 16.54 18.06
N ILE A 594 -5.36 17.41 17.56
CA ILE A 594 -4.16 17.75 18.32
C ILE A 594 -4.58 18.49 19.59
N ARG A 595 -5.47 19.47 19.44
CA ARG A 595 -5.88 20.29 20.59
C ARG A 595 -6.61 19.48 21.66
N ARG A 596 -7.47 18.54 21.24
CA ARG A 596 -8.17 17.70 22.24
C ARG A 596 -7.23 17.06 23.24
N GLU A 597 -6.06 16.63 22.78
CA GLU A 597 -5.12 15.91 23.64
C GLU A 597 -4.01 16.81 24.19
N PHE A 598 -3.51 17.71 23.34
CA PHE A 598 -2.28 18.43 23.66
C PHE A 598 -2.43 19.96 23.78
N GLY A 599 -3.65 20.46 23.58
CA GLY A 599 -3.86 21.90 23.47
C GLY A 599 -3.12 22.52 22.27
N GLU A 600 -2.74 23.79 22.41
CA GLU A 600 -2.11 24.53 21.31
C GLU A 600 -0.60 24.29 21.23
N PRO A 601 -0.11 23.71 20.12
CA PRO A 601 1.35 23.57 19.99
C PRO A 601 2.05 24.93 20.07
N LYS A 602 3.18 25.02 20.75
CA LYS A 602 3.79 26.32 20.98
C LYS A 602 4.65 26.81 19.82
N ASP A 603 5.05 25.90 18.92
CA ASP A 603 5.81 26.29 17.71
C ASP A 603 5.67 25.24 16.61
N PHE A 604 6.26 25.49 15.43
CA PHE A 604 6.05 24.55 14.31
C PHE A 604 6.64 23.15 14.55
N GLU A 605 7.85 23.07 15.10
CA GLU A 605 8.49 21.78 15.37
C GLU A 605 7.66 20.98 16.40
N SER A 606 7.08 21.69 17.38
CA SER A 606 6.21 21.05 18.35
C SER A 606 4.91 20.56 17.68
N PHE A 607 4.36 21.35 16.77
CA PHE A 607 3.15 20.98 16.02
C PHE A 607 3.34 19.67 15.24
N VAL A 608 4.49 19.54 14.59
CA VAL A 608 4.78 18.33 13.82
C VAL A 608 4.86 17.10 14.75
N TYR A 609 5.61 17.24 15.83
CA TYR A 609 5.78 16.18 16.82
C TYR A 609 4.44 15.76 17.46
N LEU A 610 3.64 16.74 17.85
CA LEU A 610 2.33 16.51 18.47
C LEU A 610 1.33 15.93 17.45
N SER A 611 1.44 16.33 16.19
CA SER A 611 0.62 15.69 15.14
C SER A 611 0.98 14.21 15.08
N GLN A 612 2.29 13.89 15.12
CA GLN A 612 2.67 12.48 15.08
C GLN A 612 2.26 11.72 16.36
N LEU A 613 2.34 12.36 17.53
CA LEU A 613 1.92 11.69 18.74
C LEU A 613 0.41 11.45 18.78
N MET A 614 -0.34 12.44 18.31
CA MET A 614 -1.79 12.32 18.26
C MET A 614 -2.15 11.13 17.39
N GLN A 615 -1.52 11.03 16.22
CA GLN A 615 -1.76 9.88 15.32
C GLN A 615 -1.32 8.53 15.94
N ALA A 616 -0.09 8.50 16.45
CA ALA A 616 0.47 7.28 17.01
C ALA A 616 -0.37 6.73 18.20
N GLU A 617 -0.71 7.60 19.13
CA GLU A 617 -1.45 7.15 20.32
C GLU A 617 -2.86 6.73 19.94
N GLY A 618 -3.44 7.41 18.97
CA GLY A 618 -4.80 7.11 18.57
C GLY A 618 -4.93 5.77 17.86
N ILE A 619 -4.01 5.50 16.94
CA ILE A 619 -4.04 4.22 16.21
C ILE A 619 -3.60 3.09 17.15
N ASN A 620 -2.71 3.41 18.09
CA ASN A 620 -2.34 2.43 19.12
C ASN A 620 -3.58 1.90 19.85
N ILE A 621 -4.47 2.81 20.24
CA ILE A 621 -5.73 2.46 20.91
C ILE A 621 -6.55 1.46 20.09
N ALA A 622 -6.84 1.83 18.85
CA ALA A 622 -7.64 1.06 17.92
C ALA A 622 -7.04 -0.32 17.60
N ALA A 623 -5.77 -0.33 17.21
CA ALA A 623 -5.12 -1.59 16.81
C ALA A 623 -5.08 -2.56 17.99
N SER A 624 -4.74 -2.04 19.17
CA SER A 624 -4.67 -2.87 20.37
C SER A 624 -6.03 -3.46 20.72
N HIS A 625 -7.06 -2.63 20.59
CA HIS A 625 -8.43 -3.03 20.85
C HIS A 625 -8.89 -4.12 19.88
N LEU A 626 -8.57 -3.98 18.60
CA LEU A 626 -8.95 -5.01 17.63
C LEU A 626 -8.23 -6.32 17.95
N ARG A 627 -6.92 -6.26 18.21
CA ARG A 627 -6.20 -7.48 18.52
C ARG A 627 -6.72 -8.12 19.81
N ALA A 628 -7.01 -7.29 20.80
CA ALA A 628 -7.51 -7.84 22.07
C ALA A 628 -8.93 -8.38 21.96
N SER A 629 -9.61 -8.10 20.85
CA SER A 629 -11.00 -8.54 20.72
C SER A 629 -11.13 -9.93 20.08
N ARG A 630 -10.01 -10.47 19.60
CA ARG A 630 -9.99 -11.75 18.95
C ARG A 630 -10.72 -12.78 19.80
N PRO A 631 -11.55 -13.63 19.19
CA PRO A 631 -11.82 -13.79 17.76
C PRO A 631 -12.95 -12.93 17.22
N GLN A 632 -13.40 -11.91 17.94
CA GLN A 632 -14.42 -11.02 17.37
C GLN A 632 -13.87 -10.29 16.12
N SER A 633 -12.74 -9.61 16.26
CA SER A 633 -12.07 -9.09 15.07
C SER A 633 -10.92 -10.03 14.73
N MET A 634 -10.57 -10.09 13.45
CA MET A 634 -9.45 -10.89 12.96
C MET A 634 -8.58 -10.11 12.00
N GLY A 635 -8.76 -8.80 11.97
CA GLY A 635 -7.89 -7.99 11.14
C GLY A 635 -7.80 -6.55 11.53
N SER A 636 -6.59 -6.00 11.40
CA SER A 636 -6.31 -4.58 11.56
C SER A 636 -5.42 -4.08 10.42
N LEU A 637 -5.97 -3.35 9.47
CA LEU A 637 -5.11 -2.73 8.44
C LEU A 637 -5.33 -1.23 8.52
N TYR A 638 -4.42 -0.50 9.17
CA TYR A 638 -4.67 0.96 9.30
C TYR A 638 -4.41 1.69 7.98
N TRP A 639 -5.10 2.81 7.80
CA TRP A 639 -4.85 3.74 6.71
C TRP A 639 -3.85 4.78 7.22
N GLN A 640 -2.63 4.89 6.70
CA GLN A 640 -2.06 4.19 5.55
C GLN A 640 -0.59 3.86 5.84
N LEU A 641 0.05 2.98 5.07
CA LEU A 641 1.48 2.74 5.26
C LEU A 641 2.34 3.92 4.82
N ASN A 642 2.10 4.41 3.60
CA ASN A 642 3.14 5.16 2.91
C ASN A 642 2.63 6.39 2.17
N ASP A 643 3.51 7.13 1.50
CA ASP A 643 3.14 8.38 0.85
C ASP A 643 3.50 8.44 -0.64
N VAL A 644 2.76 9.24 -1.42
CA VAL A 644 3.16 9.43 -2.83
C VAL A 644 4.03 10.69 -3.07
N TRP A 645 4.13 11.54 -2.05
CA TRP A 645 4.83 12.82 -2.16
C TRP A 645 5.05 13.32 -0.74
N PRO A 646 5.90 14.35 -0.58
CA PRO A 646 6.04 15.00 0.74
C PRO A 646 4.78 15.79 1.10
N GLY A 647 4.14 15.43 2.20
CA GLY A 647 2.95 16.16 2.61
C GLY A 647 2.33 15.54 3.83
N ALA A 648 1.29 16.19 4.34
CA ALA A 648 0.46 15.64 5.42
C ALA A 648 -0.34 14.42 4.95
N SER A 649 -0.41 13.38 5.78
CA SER A 649 -1.23 12.24 5.42
C SER A 649 -1.39 11.30 6.61
N TRP A 650 -2.03 10.17 6.34
CA TRP A 650 -2.31 9.21 7.40
C TRP A 650 -1.18 8.18 7.47
N SER A 651 -0.05 8.46 6.81
CA SER A 651 1.01 7.46 6.70
C SER A 651 1.77 7.26 8.02
N SER A 652 2.43 6.11 8.16
CA SER A 652 3.36 5.89 9.28
C SER A 652 4.82 5.98 8.78
N VAL A 653 4.99 6.02 7.48
CA VAL A 653 6.28 6.23 6.86
C VAL A 653 6.15 7.27 5.76
N ASP A 654 6.90 8.36 5.85
CA ASP A 654 6.76 9.41 4.84
C ASP A 654 7.44 9.12 3.51
N TYR A 655 7.38 10.11 2.63
CA TYR A 655 7.81 9.91 1.26
C TYR A 655 9.29 9.58 1.14
N TYR A 656 10.11 10.10 2.04
CA TYR A 656 11.53 9.76 1.95
C TYR A 656 11.92 8.49 2.74
N GLY A 657 10.92 7.72 3.19
CA GLY A 657 11.20 6.49 3.92
C GLY A 657 11.45 6.71 5.40
N ARG A 658 11.18 7.91 5.87
CA ARG A 658 11.41 8.23 7.29
C ARG A 658 10.24 7.78 8.16
N TRP A 659 10.53 7.00 9.19
CA TRP A 659 9.49 6.53 10.11
C TRP A 659 8.88 7.66 10.95
N LYS A 660 7.55 7.71 11.01
CA LYS A 660 6.85 8.57 11.96
C LYS A 660 6.73 7.85 13.31
N ALA A 661 6.36 8.59 14.34
CA ALA A 661 6.12 8.01 15.67
C ALA A 661 5.20 6.78 15.55
N LEU A 662 4.24 6.84 14.62
CA LEU A 662 3.27 5.75 14.48
C LEU A 662 3.96 4.44 14.12
N HIS A 663 4.94 4.51 13.22
CA HIS A 663 5.57 3.27 12.80
C HIS A 663 6.33 2.61 13.96
N TYR A 664 6.88 3.41 14.86
CA TYR A 664 7.60 2.86 16.01
C TYR A 664 6.60 2.26 16.98
N HIS A 665 5.50 2.96 17.17
CA HIS A 665 4.40 2.46 17.99
C HIS A 665 3.82 1.19 17.39
N ALA A 666 3.76 1.12 16.05
CA ALA A 666 3.16 -0.04 15.39
C ALA A 666 3.95 -1.31 15.64
N ARG A 667 5.27 -1.20 15.62
CA ARG A 667 6.14 -2.32 15.97
C ARG A 667 5.70 -2.90 17.30
N ARG A 668 5.36 -2.02 18.23
CA ARG A 668 4.89 -2.47 19.53
C ARG A 668 3.45 -3.02 19.53
N PHE A 669 2.48 -2.27 19.00
CA PHE A 669 1.10 -2.75 19.14
C PHE A 669 0.83 -3.95 18.19
N TYR A 670 1.79 -4.26 17.29
CA TYR A 670 1.69 -5.45 16.43
C TYR A 670 2.64 -6.57 16.89
N ALA A 671 3.33 -6.39 18.01
CA ALA A 671 4.27 -7.40 18.47
C ALA A 671 3.52 -8.74 18.72
N PRO A 672 4.17 -9.87 18.41
CA PRO A 672 3.53 -11.19 18.52
C PRO A 672 2.96 -11.48 19.92
N GLU A 673 3.63 -11.01 20.97
CA GLU A 673 3.04 -11.02 22.33
C GLU A 673 2.92 -9.59 22.84
N MET A 674 1.73 -9.24 23.35
CA MET A 674 1.38 -7.86 23.59
C MET A 674 0.42 -7.76 24.75
N ILE A 675 0.61 -6.71 25.56
CA ILE A 675 -0.36 -6.37 26.57
C ILE A 675 -1.05 -5.07 26.19
N ALA A 676 -2.37 -5.11 26.28
CA ALA A 676 -3.16 -3.93 26.01
C ALA A 676 -3.81 -3.51 27.32
N ALA A 677 -3.73 -2.23 27.65
CA ALA A 677 -4.48 -1.71 28.77
C ALA A 677 -5.18 -0.48 28.24
N LEU A 678 -6.48 -0.58 28.04
CA LEU A 678 -7.17 0.45 27.30
C LEU A 678 -8.26 1.08 28.15
N ARG A 679 -8.12 2.38 28.39
CA ARG A 679 -9.06 3.15 29.20
C ARG A 679 -10.11 3.85 28.35
N ASN A 680 -11.38 3.50 28.57
CA ASN A 680 -12.46 4.03 27.72
C ASN A 680 -13.03 5.36 28.20
N ASP A 681 -14.05 5.85 27.51
CA ASP A 681 -14.65 7.16 27.83
C ASP A 681 -15.39 7.14 29.19
N LYS A 682 -15.62 5.96 29.73
CA LYS A 682 -16.34 5.80 30.99
C LYS A 682 -15.39 5.54 32.16
N GLY A 683 -14.11 5.80 31.96
CA GLY A 683 -13.13 5.57 33.02
C GLY A 683 -12.92 4.11 33.42
N GLN A 684 -13.14 3.20 32.48
CA GLN A 684 -12.85 1.77 32.69
C GLN A 684 -11.67 1.30 31.83
N THR A 685 -10.66 0.73 32.48
CA THR A 685 -9.44 0.31 31.83
C THR A 685 -9.41 -1.20 31.69
N GLU A 686 -9.53 -1.68 30.46
CA GLU A 686 -9.57 -3.12 30.23
C GLU A 686 -8.19 -3.65 29.86
N VAL A 687 -7.76 -4.67 30.58
CA VAL A 687 -6.43 -5.23 30.35
C VAL A 687 -6.52 -6.57 29.65
N SER A 688 -5.72 -6.75 28.60
CA SER A 688 -5.73 -8.00 27.86
C SER A 688 -4.32 -8.46 27.49
N LEU A 689 -4.13 -9.78 27.45
CA LEU A 689 -2.87 -10.36 27.01
C LEU A 689 -3.09 -11.02 25.65
N VAL A 690 -2.33 -10.59 24.65
CA VAL A 690 -2.49 -11.07 23.29
C VAL A 690 -1.29 -11.89 22.87
N SER A 691 -1.55 -13.09 22.34
CA SER A 691 -0.47 -13.93 21.80
C SER A 691 -0.80 -14.53 20.42
N ASP A 692 0.09 -14.27 19.48
CA ASP A 692 0.05 -14.83 18.14
C ASP A 692 0.88 -16.11 18.03
N ARG A 693 1.37 -16.63 19.17
CA ARG A 693 2.15 -17.86 19.11
C ARG A 693 1.28 -19.05 18.70
N THR A 694 1.90 -20.06 18.09
CA THR A 694 1.19 -21.31 17.80
C THR A 694 1.33 -22.30 18.98
N THR A 695 1.94 -21.83 20.06
CA THR A 695 2.13 -22.63 21.27
C THR A 695 1.62 -21.84 22.46
N PRO A 696 1.38 -22.51 23.62
CA PRO A 696 0.87 -21.74 24.76
C PRO A 696 1.98 -20.90 25.34
N LEU A 697 1.61 -19.76 25.90
CA LEU A 697 2.57 -18.86 26.49
C LEU A 697 2.34 -18.88 27.98
N THR A 698 3.30 -19.40 28.73
CA THR A 698 3.25 -19.38 30.19
C THR A 698 3.94 -18.11 30.62
N ALA A 699 3.18 -17.19 31.21
CA ALA A 699 3.70 -15.86 31.46
C ALA A 699 3.19 -15.27 32.76
N ARG A 700 3.56 -14.03 33.03
CA ARG A 700 2.97 -13.26 34.10
C ARG A 700 2.77 -11.80 33.69
N TRP A 701 1.77 -11.14 34.28
CA TRP A 701 1.64 -9.72 34.03
C TRP A 701 1.59 -8.89 35.32
N ARG A 702 2.04 -7.64 35.20
CA ARG A 702 2.09 -6.72 36.33
C ARG A 702 1.45 -5.40 36.00
N MET A 703 0.91 -4.77 37.04
CA MET A 703 0.49 -3.40 36.98
C MET A 703 1.04 -2.64 38.20
N ARG A 704 1.37 -1.37 37.95
CA ARG A 704 1.94 -0.47 38.94
C ARG A 704 1.30 0.90 38.78
N VAL A 705 0.69 1.41 39.85
CA VAL A 705 0.10 2.74 39.81
C VAL A 705 1.11 3.72 40.44
N MET A 706 1.47 4.78 39.67
CA MET A 706 2.55 5.70 40.03
C MET A 706 2.10 7.14 40.16
N GLY A 707 2.69 7.86 41.12
CA GLY A 707 2.58 9.31 41.11
C GLY A 707 3.58 9.91 40.14
N MET A 708 3.27 11.09 39.60
CA MET A 708 4.26 11.78 38.76
C MET A 708 5.56 12.06 39.54
N ASP A 709 5.48 12.09 40.87
CA ASP A 709 6.63 12.34 41.73
C ASP A 709 7.53 11.10 41.92
N GLY A 710 7.13 9.98 41.33
CA GLY A 710 7.93 8.76 41.43
C GLY A 710 7.57 7.86 42.62
N LYS A 711 6.53 8.22 43.35
CA LYS A 711 5.98 7.34 44.40
C LYS A 711 5.14 6.18 43.82
N VAL A 712 5.47 4.96 44.22
CA VAL A 712 4.73 3.76 43.79
C VAL A 712 3.49 3.57 44.68
N LEU A 713 2.31 3.77 44.12
CA LEU A 713 1.07 3.85 44.90
C LEU A 713 0.38 2.48 45.09
N SER A 714 0.57 1.58 44.14
CA SER A 714 0.07 0.22 44.28
C SER A 714 0.72 -0.65 43.22
N LYS A 715 0.82 -1.94 43.52
CA LYS A 715 1.40 -2.95 42.65
C LYS A 715 0.58 -4.23 42.73
N ARG A 716 0.60 -4.98 41.63
CA ARG A 716 -0.17 -6.19 41.48
C ARG A 716 0.55 -7.05 40.44
N GLU A 717 0.47 -8.36 40.59
CA GLU A 717 1.07 -9.28 39.64
C GLU A 717 0.30 -10.59 39.64
N GLU A 718 -0.10 -11.06 38.45
CA GLU A 718 -0.69 -12.40 38.33
C GLU A 718 0.06 -13.27 37.31
N LYS A 719 -0.15 -14.57 37.44
CA LYS A 719 0.25 -15.52 36.43
C LYS A 719 -0.82 -15.54 35.35
N ALA A 720 -0.44 -15.89 34.14
CA ALA A 720 -1.43 -16.15 33.10
C ALA A 720 -0.88 -17.17 32.14
N SER A 721 -1.75 -18.09 31.74
CA SER A 721 -1.43 -19.02 30.69
C SER A 721 -2.22 -18.55 29.48
N VAL A 722 -1.50 -18.09 28.48
CA VAL A 722 -2.16 -17.59 27.30
C VAL A 722 -2.16 -18.64 26.19
N ASN A 723 -3.36 -19.04 25.80
CA ASN A 723 -3.51 -20.02 24.74
C ASN A 723 -2.92 -19.52 23.44
N ALA A 724 -2.43 -20.47 22.64
CA ALA A 724 -1.99 -20.16 21.29
C ALA A 724 -3.07 -19.34 20.56
N LEU A 725 -2.64 -18.41 19.73
CA LEU A 725 -3.54 -17.70 18.82
C LEU A 725 -4.75 -17.10 19.52
N SER A 726 -4.55 -16.39 20.63
CA SER A 726 -5.69 -15.85 21.35
C SER A 726 -5.42 -14.53 22.06
N SER A 727 -6.51 -13.95 22.55
CA SER A 727 -6.47 -12.82 23.48
C SER A 727 -7.21 -13.21 24.75
N GLN A 728 -6.80 -12.65 25.89
CA GLN A 728 -7.35 -13.03 27.18
C GLN A 728 -7.52 -11.79 28.02
N HIS A 729 -8.76 -11.48 28.40
CA HIS A 729 -9.03 -10.35 29.28
C HIS A 729 -8.63 -10.73 30.73
N VAL A 730 -7.74 -9.95 31.34
CA VAL A 730 -7.26 -10.32 32.66
C VAL A 730 -7.69 -9.28 33.71
N GLY A 731 -8.30 -8.19 33.27
CA GLY A 731 -8.77 -7.19 34.21
C GLY A 731 -9.59 -6.11 33.57
N ASN A 732 -10.44 -5.49 34.39
CA ASN A 732 -11.26 -4.37 33.97
C ASN A 732 -11.47 -3.47 35.19
N PHE A 733 -10.73 -2.35 35.22
CA PHE A 733 -10.66 -1.50 36.40
C PHE A 733 -11.26 -0.13 36.17
N SER A 734 -12.02 0.34 37.15
CA SER A 734 -12.50 1.72 37.15
C SER A 734 -11.37 2.66 37.57
N ASP A 735 -11.52 3.95 37.27
CA ASP A 735 -10.56 4.92 37.76
C ASP A 735 -10.42 4.86 39.30
N LYS A 736 -11.55 4.71 39.99
CA LYS A 736 -11.58 4.59 41.44
C LYS A 736 -10.76 3.42 41.93
N GLN A 737 -10.95 2.25 41.33
CA GLN A 737 -10.20 1.05 41.71
C GLN A 737 -8.70 1.22 41.46
N LEU A 738 -8.36 2.01 40.45
CA LEU A 738 -6.96 2.23 40.10
C LEU A 738 -6.36 3.37 40.90
N LEU A 739 -7.10 4.46 41.04
CA LEU A 739 -6.57 5.67 41.67
C LEU A 739 -6.92 5.73 43.15
N GLY A 740 -8.21 5.69 43.47
CA GLY A 740 -8.64 5.76 44.84
C GLY A 740 -8.23 7.07 45.48
N SER A 741 -8.98 8.14 45.17
CA SER A 741 -8.78 9.50 45.70
C SER A 741 -7.52 10.20 45.16
N ALA A 742 -6.58 9.46 44.59
CA ALA A 742 -5.38 10.06 44.01
C ALA A 742 -5.73 10.92 42.81
N ASP A 743 -4.93 11.95 42.54
CA ASP A 743 -5.19 12.89 41.46
C ASP A 743 -4.93 12.25 40.09
N PRO A 744 -6.00 12.16 39.26
CA PRO A 744 -5.84 11.61 37.92
C PRO A 744 -4.87 12.43 37.06
N LYS A 745 -4.70 13.71 37.39
CA LYS A 745 -3.79 14.58 36.64
C LYS A 745 -2.34 14.41 37.09
N ARG A 746 -2.14 13.66 38.17
CA ARG A 746 -0.81 13.54 38.74
C ARG A 746 -0.40 12.09 38.92
N THR A 747 -1.04 11.20 38.17
CA THR A 747 -0.89 9.76 38.38
C THR A 747 -0.90 8.99 37.05
N TYR A 748 -0.08 7.94 36.93
CA TYR A 748 -0.17 7.03 35.78
C TYR A 748 -0.05 5.58 36.21
N ALA A 749 -0.22 4.67 35.25
CA ALA A 749 -0.21 3.24 35.54
C ALA A 749 0.57 2.52 34.48
N VAL A 750 1.47 1.66 34.92
CA VAL A 750 2.31 0.89 34.01
C VAL A 750 1.87 -0.58 33.99
N PHE A 751 1.71 -1.14 32.78
CA PHE A 751 1.33 -2.54 32.63
C PHE A 751 2.38 -3.28 31.84
N GLU A 752 2.79 -4.43 32.34
CA GLU A 752 3.81 -5.21 31.66
C GLU A 752 3.45 -6.68 31.54
N LEU A 753 3.90 -7.28 30.44
CA LEU A 753 3.78 -8.71 30.18
C LEU A 753 5.15 -9.35 30.14
N LEU A 754 5.37 -10.40 30.95
CA LEU A 754 6.69 -11.06 31.01
C LEU A 754 6.65 -12.56 30.72
N ASP A 755 7.67 -13.04 30.02
CA ASP A 755 7.88 -14.47 29.82
C ASP A 755 9.09 -14.88 30.61
N GLY A 756 8.86 -15.38 31.83
CA GLY A 756 9.94 -15.56 32.76
C GLY A 756 10.40 -14.20 33.23
N ASP A 757 11.64 -13.85 32.88
CA ASP A 757 12.19 -12.56 33.27
C ASP A 757 12.42 -11.62 32.08
N THR A 758 12.00 -12.02 30.88
CA THR A 758 12.18 -11.13 29.73
C THR A 758 10.91 -10.34 29.54
N LEU A 759 11.04 -9.01 29.42
CA LEU A 759 9.90 -8.13 29.25
C LEU A 759 9.39 -8.21 27.83
N LEU A 760 8.13 -8.62 27.65
CA LEU A 760 7.61 -8.81 26.31
C LEU A 760 6.93 -7.57 25.77
N SER A 761 6.24 -6.84 26.65
CA SER A 761 5.40 -5.73 26.20
C SER A 761 5.06 -4.86 27.40
N ARG A 762 4.85 -3.57 27.14
CA ARG A 762 4.53 -2.61 28.18
C ARG A 762 3.52 -1.57 27.65
N GLU A 763 2.60 -1.15 28.50
CA GLU A 763 1.67 -0.07 28.20
C GLU A 763 1.61 0.93 29.37
N VAL A 764 1.74 2.21 29.05
CA VAL A 764 1.66 3.25 30.07
C VAL A 764 0.31 3.96 29.87
N VAL A 765 -0.51 4.00 30.92
CA VAL A 765 -1.86 4.55 30.84
C VAL A 765 -2.02 5.83 31.69
N PHE A 766 -2.74 6.81 31.16
CA PHE A 766 -3.00 8.07 31.85
C PHE A 766 -4.52 8.28 31.99
N PHE A 767 -4.92 9.14 32.91
CA PHE A 767 -6.32 9.25 33.27
C PHE A 767 -6.89 10.63 32.95
N ALA A 768 -6.12 11.37 32.16
CA ALA A 768 -6.52 12.70 31.70
C ALA A 768 -5.70 13.04 30.46
N PRO A 769 -6.25 13.88 29.58
CA PRO A 769 -5.53 14.32 28.37
C PRO A 769 -4.21 14.96 28.75
N ALA A 770 -3.18 14.73 27.93
CA ALA A 770 -1.83 15.22 28.18
C ALA A 770 -1.82 16.70 28.61
N LYS A 771 -2.69 17.51 27.99
CA LYS A 771 -2.68 18.96 28.24
C LYS A 771 -3.07 19.30 29.67
N GLN A 772 -3.73 18.38 30.35
CA GLN A 772 -4.11 18.62 31.73
C GLN A 772 -3.17 18.02 32.76
N LEU A 773 -2.18 17.25 32.31
CA LEU A 773 -1.31 16.52 33.23
C LEU A 773 -0.26 17.39 33.92
N ALA A 774 0.11 17.03 35.14
CA ALA A 774 1.27 17.65 35.79
C ALA A 774 2.51 16.80 35.56
N LEU A 775 2.92 16.66 34.30
CA LEU A 775 4.09 15.87 33.97
C LEU A 775 5.33 16.51 34.57
N PRO A 776 6.23 15.68 35.11
CA PRO A 776 7.51 16.14 35.68
C PRO A 776 8.45 16.66 34.61
N ALA A 777 9.34 17.59 34.97
CA ALA A 777 10.34 18.05 34.01
C ALA A 777 11.51 17.07 34.06
N ALA A 778 11.65 16.27 33.00
CA ALA A 778 12.64 15.21 32.94
C ALA A 778 14.04 15.75 32.63
N LYS A 779 15.02 15.21 33.34
CA LYS A 779 16.42 15.41 32.98
C LYS A 779 16.87 14.15 32.30
N ILE A 780 17.10 14.18 30.99
CA ILE A 780 17.46 12.95 30.28
C ILE A 780 18.95 12.89 29.94
N ASP A 781 19.67 11.94 30.52
CA ASP A 781 21.09 11.77 30.25
C ASP A 781 21.32 10.88 29.04
N SER A 782 22.33 11.21 28.24
CA SER A 782 22.60 10.45 27.04
C SER A 782 24.08 10.05 26.93
N GLN A 783 24.32 8.74 26.87
CA GLN A 783 25.68 8.20 26.83
C GLN A 783 25.94 7.43 25.52
N TRP A 784 27.05 7.77 24.87
CA TRP A 784 27.45 7.18 23.59
C TRP A 784 28.51 6.10 23.77
N ARG A 785 28.48 5.10 22.89
CA ARG A 785 29.43 3.97 22.91
C ARG A 785 29.49 3.35 21.52
N ALA A 786 30.68 3.29 20.93
CA ALA A 786 30.86 2.72 19.58
C ALA A 786 30.58 1.22 19.56
N ASP A 787 29.84 0.74 18.55
CA ASP A 787 29.43 -0.67 18.55
C ASP A 787 29.81 -1.44 17.28
N GLY A 788 28.93 -1.43 16.28
CA GLY A 788 29.17 -2.13 15.03
C GLY A 788 30.28 -1.51 14.19
N GLY A 790 27.73 0.93 13.68
CA GLY A 790 26.92 1.93 14.37
C GLY A 790 27.36 2.25 15.79
N TYR A 791 26.47 2.89 16.55
CA TYR A 791 26.78 3.27 17.93
C TYR A 791 25.65 2.86 18.89
N ALA A 792 25.99 2.66 20.16
CA ALA A 792 24.97 2.45 21.18
C ALA A 792 24.74 3.77 21.88
N LEU A 793 23.47 4.16 22.00
CA LEU A 793 23.09 5.40 22.64
C LEU A 793 22.22 5.08 23.83
N THR A 794 22.69 5.39 25.03
CA THR A 794 21.93 5.03 26.21
C THR A 794 21.28 6.28 26.82
N LEU A 795 19.96 6.20 26.98
CA LEU A 795 19.16 7.29 27.53
C LEU A 795 18.68 6.92 28.92
N THR A 796 18.78 7.87 29.87
CA THR A 796 18.26 7.68 31.23
C THR A 796 17.60 8.94 31.78
N SER A 797 16.32 8.83 32.13
CA SER A 797 15.60 9.95 32.74
C SER A 797 15.42 9.74 34.27
N ASP A 798 15.57 10.84 35.01
CA ASP A 798 15.43 10.81 36.46
C ASP A 798 13.97 10.66 36.82
N THR A 799 13.12 11.13 35.91
CA THR A 799 11.69 11.03 36.10
C THR A 799 11.05 10.34 34.89
N LEU A 800 9.75 10.16 34.95
CA LEU A 800 9.01 9.74 33.79
C LEU A 800 9.30 10.74 32.67
N ALA A 801 9.63 10.23 31.50
CA ALA A 801 9.72 11.04 30.29
C ALA A 801 8.87 10.36 29.23
N ARG A 802 7.91 11.10 28.71
CA ARG A 802 6.91 10.52 27.83
C ARG A 802 7.18 10.84 26.37
N GLU A 803 7.07 9.82 25.52
CA GLU A 803 7.15 9.98 24.07
C GLU A 803 8.41 10.72 23.66
N VAL A 804 9.54 10.17 24.09
CA VAL A 804 10.83 10.76 23.80
C VAL A 804 11.04 10.64 22.30
N TRP A 805 11.46 11.72 21.66
CA TRP A 805 11.73 11.70 20.23
C TRP A 805 13.18 12.17 19.99
N LEU A 806 13.99 11.26 19.46
CA LEU A 806 15.37 11.50 19.09
C LEU A 806 15.53 11.98 17.63
N SER A 807 16.35 12.99 17.40
CA SER A 807 16.67 13.36 16.01
C SER A 807 18.04 14.00 15.93
N PHE A 808 18.43 14.38 14.71
CA PHE A 808 19.79 14.83 14.44
C PHE A 808 19.84 15.95 13.39
N GLY A 809 18.83 16.80 13.36
CA GLY A 809 18.78 17.84 12.35
C GLY A 809 18.76 17.23 10.95
N ASP A 810 19.54 17.80 10.03
CA ASP A 810 19.62 17.26 8.67
C ASP A 810 20.69 16.16 8.56
N VAL A 811 21.35 15.82 9.66
CA VAL A 811 22.27 14.67 9.65
C VAL A 811 21.45 13.37 9.48
N ASP A 812 21.75 12.59 8.45
CA ASP A 812 20.99 11.36 8.23
C ASP A 812 21.53 10.25 9.12
N ALA A 813 20.64 9.71 9.94
CA ALA A 813 21.00 8.64 10.84
C ALA A 813 19.75 7.82 11.13
N THR A 814 19.94 6.54 11.44
CA THR A 814 18.82 5.66 11.68
C THR A 814 18.84 5.15 13.12
N LEU A 815 17.66 5.04 13.72
CA LEU A 815 17.54 4.54 15.09
C LEU A 815 16.76 3.22 15.14
N SER A 816 17.17 2.32 16.02
CA SER A 816 16.46 1.06 16.18
C SER A 816 15.14 1.24 16.95
N ASP A 817 14.99 2.39 17.60
CA ASP A 817 13.74 2.69 18.30
C ASP A 817 13.68 4.19 18.53
N ASN A 818 12.46 4.67 18.79
CA ASN A 818 12.17 6.09 18.91
C ASN A 818 10.73 6.21 19.38
N ALA A 819 10.31 7.41 19.78
CA ALA A 819 8.95 7.65 20.25
C ALA A 819 8.61 6.70 21.42
N PHE A 820 9.53 6.62 22.37
CA PHE A 820 9.38 5.72 23.53
C PHE A 820 9.23 6.48 24.85
N ASP A 821 8.70 5.79 25.86
CA ASP A 821 8.62 6.40 27.19
C ASP A 821 9.82 5.93 28.00
N LEU A 822 10.34 6.78 28.88
CA LEU A 822 11.41 6.39 29.81
C LEU A 822 10.83 6.44 31.20
N LEU A 823 11.03 5.37 31.96
CA LEU A 823 10.58 5.32 33.35
C LEU A 823 11.76 5.72 34.26
N PRO A 824 11.45 6.30 35.43
CA PRO A 824 12.50 6.86 36.30
C PRO A 824 13.68 5.92 36.52
N GLY A 825 14.88 6.36 36.18
CA GLY A 825 16.09 5.57 36.39
C GLY A 825 16.36 4.34 35.52
N GLU A 826 15.40 3.94 34.71
CA GLU A 826 15.58 2.76 33.85
C GLU A 826 16.18 3.13 32.48
N PRO A 827 17.45 2.80 32.24
CA PRO A 827 18.07 3.11 30.96
C PRO A 827 17.44 2.40 29.78
N LEU A 828 17.49 3.03 28.61
CA LEU A 828 17.15 2.39 27.35
C LEU A 828 18.31 2.64 26.40
N THR A 829 18.78 1.59 25.75
CA THR A 829 19.81 1.76 24.74
C THR A 829 19.17 1.60 23.37
N VAL A 830 19.50 2.50 22.46
CA VAL A 830 19.08 2.32 21.08
C VAL A 830 20.30 2.32 20.18
N ARG A 831 20.15 1.60 19.07
CA ARG A 831 21.22 1.44 18.09
C ARG A 831 21.19 2.61 17.13
N VAL A 832 22.33 3.29 16.97
CA VAL A 832 22.41 4.36 15.98
C VAL A 832 23.31 3.98 14.80
N THR A 833 22.73 3.95 13.59
CA THR A 833 23.54 3.81 12.39
C THR A 833 23.55 5.09 11.57
N SER A 834 24.75 5.48 11.13
CA SER A 834 24.97 6.68 10.35
C SER A 834 26.38 6.69 9.77
N LYS A 835 26.57 7.47 8.70
CA LYS A 835 27.88 7.70 8.12
C LYS A 835 28.63 8.81 8.84
N ALA A 836 27.91 9.58 9.65
CA ALA A 836 28.53 10.67 10.41
C ALA A 836 29.43 10.14 11.51
N ALA A 837 30.41 10.95 11.90
CA ALA A 837 31.31 10.59 12.99
C ALA A 837 30.63 10.77 14.33
N LEU A 838 31.18 10.15 15.37
CA LEU A 838 30.61 10.23 16.71
C LEU A 838 30.45 11.68 17.17
N ALA A 839 31.49 12.49 16.95
CA ALA A 839 31.47 13.86 17.42
C ALA A 839 30.31 14.63 16.76
N GLN A 840 30.12 14.44 15.47
CA GLN A 840 29.02 15.07 14.73
C GLN A 840 27.67 14.67 15.28
N LEU A 841 27.49 13.37 15.46
CA LEU A 841 26.25 12.82 15.99
C LEU A 841 25.93 13.41 17.35
N GLN A 842 26.96 13.51 18.20
CA GLN A 842 26.84 14.09 19.53
C GLN A 842 26.39 15.54 19.49
N SER A 843 26.99 16.33 18.60
CA SER A 843 26.64 17.74 18.53
C SER A 843 25.25 17.92 17.91
N ALA A 844 24.87 17.00 17.02
CA ALA A 844 23.59 17.05 16.30
C ALA A 844 22.40 16.47 17.08
N LEU A 845 22.67 15.56 18.00
CA LEU A 845 21.62 14.92 18.77
C LEU A 845 20.65 15.91 19.42
N GLN A 846 19.36 15.74 19.14
CA GLN A 846 18.30 16.46 19.84
C GLN A 846 17.35 15.48 20.49
N VAL A 847 16.98 15.76 21.74
CA VAL A 847 16.11 14.90 22.51
C VAL A 847 14.88 15.69 22.94
N ARG A 848 13.71 15.25 22.47
CA ARG A 848 12.46 15.90 22.76
C ARG A 848 11.57 14.99 23.62
N ASP A 849 10.79 15.56 24.51
CA ASP A 849 9.84 14.76 25.26
C ASP A 849 8.57 15.53 25.42
N LEU A 850 7.52 14.85 25.86
CA LEU A 850 6.20 15.47 25.87
C LEU A 850 6.13 16.62 26.89
N ALA A 851 6.64 16.39 28.09
CA ALA A 851 6.57 17.42 29.14
C ALA A 851 7.22 18.72 28.66
N ALA A 852 8.42 18.59 28.11
CA ALA A 852 9.17 19.75 27.68
C ALA A 852 8.42 20.45 26.58
N THR A 853 7.77 19.66 25.73
CA THR A 853 7.07 20.19 24.56
C THR A 853 5.84 21.00 24.98
N LEU A 854 5.12 20.51 25.97
CA LEU A 854 3.92 21.21 26.41
C LEU A 854 4.24 22.39 27.34
N ALA A 855 5.42 22.39 27.93
CA ALA A 855 5.83 23.50 28.81
C ALA A 855 5.92 24.78 27.99
N GLY A 856 5.22 25.84 28.42
CA GLY A 856 5.22 27.11 27.70
C GLY A 856 4.22 27.21 26.56
N ALA A 857 3.34 26.22 26.42
CA ALA A 857 2.33 26.26 25.36
C ALA A 857 1.34 27.39 25.56
N PRO A 858 0.95 28.07 24.47
CA PRO A 858 -0.10 29.08 24.56
C PRO A 858 -1.48 28.46 24.77
N PRO A 859 -2.43 29.23 25.29
CA PRO A 859 -3.80 28.74 25.40
C PRO A 859 -4.43 28.42 24.03
N GLU A 860 -5.44 27.56 24.03
CA GLU A 860 -6.16 27.24 22.80
C GLU A 860 -6.92 28.47 22.28
N PRO A 861 -6.82 28.74 20.98
CA PRO A 861 -7.32 29.97 20.35
C PRO A 861 -8.81 30.21 20.55
N GLN A 862 -9.12 31.51 20.62
CA GLN A 862 -10.46 32.09 20.65
C GLN A 862 -11.42 31.47 19.65
C1 GOL B . -15.11 10.84 -3.16
O1 GOL B . -14.79 12.21 -3.37
C2 GOL B . -14.02 10.28 -2.26
O2 GOL B . -14.58 9.66 -1.12
C3 GOL B . -13.13 9.32 -3.04
O3 GOL B . -13.88 8.22 -3.51
C1 GOL C . -4.07 -7.10 -27.15
O1 GOL C . -2.70 -7.35 -26.87
C2 GOL C . -4.18 -6.49 -28.55
O2 GOL C . -3.02 -5.71 -28.78
C3 GOL C . -5.40 -5.56 -28.66
O3 GOL C . -6.57 -6.32 -28.84
C1 GOL D . -32.44 -8.17 -12.71
O1 GOL D . -31.49 -9.18 -13.02
C2 GOL D . -32.36 -7.02 -13.71
O2 GOL D . -31.54 -6.05 -13.06
C3 GOL D . -33.81 -6.56 -13.96
O3 GOL D . -34.07 -5.27 -14.52
C1 GOL E . 7.28 5.80 1.08
O1 GOL E . 6.34 6.43 1.92
C2 GOL E . 6.98 6.04 -0.40
O2 GOL E . 5.77 5.37 -0.69
C3 GOL E . 8.13 5.49 -1.24
O3 GOL E . 8.53 6.41 -2.24
C1 GOL F . 14.84 10.58 -2.68
O1 GOL F . 15.42 11.44 -3.63
C2 GOL F . 13.74 9.76 -3.35
O2 GOL F . 12.73 10.63 -3.82
C3 GOL F . 13.16 8.73 -2.36
O3 GOL F . 11.77 8.96 -2.16
C1 GOL G . -10.69 -1.99 -25.23
O1 GOL G . -9.99 -1.37 -26.31
C2 GOL G . -11.69 -3.06 -25.72
O2 GOL G . -13.02 -2.81 -25.23
C3 GOL G . -11.24 -4.41 -25.20
O3 GOL G . -12.35 -5.25 -25.10
C1 GOL H . 2.69 26.74 15.66
O1 GOL H . 2.86 26.40 14.27
C2 GOL H . 1.40 27.55 15.93
O2 GOL H . 0.87 28.17 14.76
C3 GOL H . 0.33 26.62 16.50
O3 GOL H . -0.01 25.63 15.53
C1 PEG I . -7.88 8.38 1.64
O1 PEG I . -8.12 7.20 0.95
C2 PEG I . -8.56 8.31 2.98
O2 PEG I . -8.78 9.62 3.45
C3 PEG I . -10.12 9.91 3.88
C4 PEG I . -10.10 9.88 5.39
O4 PEG I . -11.26 10.46 5.91
C1 PEG J . -22.40 -10.89 -18.29
O1 PEG J . -23.28 -9.90 -17.95
C2 PEG J . -21.02 -10.40 -18.65
O2 PEG J . -20.10 -11.49 -18.77
C3 PEG J . -19.74 -12.18 -17.54
C4 PEG J . -18.40 -12.87 -17.67
O4 PEG J . -17.76 -13.21 -16.44
C ACT K . -12.49 7.81 2.34
O ACT K . -12.70 7.35 1.20
OXT ACT K . -12.93 8.97 2.62
CH3 ACT K . -11.74 7.01 3.34
C ACT L . -0.10 23.89 -36.42
O ACT L . -0.87 24.89 -36.39
OXT ACT L . -0.66 22.77 -36.49
CH3 ACT L . 1.38 24.03 -36.38
C ACT M . 17.36 20.58 3.60
O ACT M . 16.41 20.21 2.88
OXT ACT M . 18.48 20.08 3.32
CH3 ACT M . 17.19 21.58 4.73
#